data_2OUS
#
_entry.id   2OUS
#
_cell.length_a   51.363
_cell.length_b   82.034
_cell.length_c   155.372
_cell.angle_alpha   90.00
_cell.angle_beta   90.00
_cell.angle_gamma   90.00
#
_symmetry.space_group_name_H-M   'P 21 21 21'
#
loop_
_entity.id
_entity.type
_entity.pdbx_description
1 polymer "cAMP and cAMP-inhibited cGMP 3',5'-cyclic phosphodiesterase 10A"
2 non-polymer 'MAGNESIUM ION'
3 water water
#
_entity_poly.entity_id   1
_entity_poly.type   'polypeptide(L)'
_entity_poly.pdbx_seq_one_letter_code
;SHMSICTSEEWQGLMQFTLPVRLCKEIELFHFDIGPFENMWPGIFVYMVHRSCGTSCFELEKLCRFIMSVKKNYRRVPYH
NWKHAVTVAHCMYAILQNNHTLFTDLERKGLLIACLCHDLDHRGFSNSYLQKFDHPLAALYSTSTMEQHHFSQTVSILQL
EGHNIFSTLSSSEYEQVLEIIRKAIIATDLALYFGNRKQLEEMYQTGSLNLNNQSHRDRVIGLMMTACALCSVTKLWPVT
KLTANDIYAEFWAEGDEMKKLGIQPIPMMDRDKKDEVPQGQLGFYNAVAIPCYTTLTQILPPTEPLLKACRDNLSQWEKV
IRGEETATWIS
;
_entity_poly.pdbx_strand_id   A,B
#
loop_
_chem_comp.id
_chem_comp.type
_chem_comp.name
_chem_comp.formula
MG non-polymer 'MAGNESIUM ION' 'Mg 2'
#
# COMPACT_ATOMS: atom_id res chain seq x y z
N SER A 1 -7.54 -32.69 -10.08
CA SER A 1 -8.31 -32.08 -8.95
C SER A 1 -8.69 -30.63 -9.25
N HIS A 2 -8.69 -30.24 -10.52
CA HIS A 2 -9.05 -28.88 -10.93
C HIS A 2 -8.13 -27.80 -10.36
N MET A 3 -6.85 -28.11 -10.18
CA MET A 3 -5.90 -27.14 -9.64
C MET A 3 -5.33 -26.27 -10.74
N SER A 4 -5.07 -25.00 -10.42
CA SER A 4 -4.47 -24.09 -11.38
C SER A 4 -2.97 -24.41 -11.34
N ILE A 5 -2.30 -24.23 -12.47
CA ILE A 5 -0.88 -24.53 -12.58
C ILE A 5 -0.13 -23.34 -13.12
N CYS A 6 1.03 -23.04 -12.55
CA CYS A 6 1.82 -21.89 -13.02
C CYS A 6 2.34 -22.15 -14.43
N THR A 7 2.78 -21.08 -15.07
CA THR A 7 3.34 -21.17 -16.42
C THR A 7 4.85 -21.29 -16.30
N SER A 8 5.50 -21.66 -17.41
CA SER A 8 6.95 -21.81 -17.43
C SER A 8 7.59 -20.45 -17.16
N GLU A 9 7.03 -19.40 -17.74
CA GLU A 9 7.57 -18.06 -17.53
C GLU A 9 7.52 -17.71 -16.05
N GLU A 10 6.43 -18.10 -15.39
CA GLU A 10 6.25 -17.82 -13.98
C GLU A 10 7.28 -18.47 -13.07
N TRP A 11 7.47 -19.78 -13.16
CA TRP A 11 8.44 -20.40 -12.27
C TRP A 11 9.90 -20.13 -12.68
N GLN A 12 10.16 -19.97 -13.98
CA GLN A 12 11.52 -19.69 -14.40
C GLN A 12 11.89 -18.28 -13.96
N GLY A 13 10.91 -17.39 -13.95
CA GLY A 13 11.15 -16.03 -13.51
C GLY A 13 11.58 -16.03 -12.06
N LEU A 14 10.89 -16.82 -11.24
CA LEU A 14 11.20 -16.91 -9.83
C LEU A 14 12.62 -17.45 -9.62
N MET A 15 12.97 -18.48 -10.40
CA MET A 15 14.29 -19.09 -10.29
C MET A 15 15.43 -18.09 -10.45
N GLN A 16 15.22 -17.09 -11.30
CA GLN A 16 16.25 -16.09 -11.55
C GLN A 16 16.12 -14.84 -10.67
N PHE A 17 15.04 -14.77 -9.88
CA PHE A 17 14.83 -13.61 -9.02
C PHE A 17 15.93 -13.47 -7.97
N THR A 18 16.34 -12.23 -7.75
CA THR A 18 17.35 -11.90 -6.77
C THR A 18 16.75 -10.89 -5.81
N LEU A 19 16.88 -11.17 -4.51
CA LEU A 19 16.34 -10.30 -3.46
C LEU A 19 17.31 -9.19 -3.08
N PRO A 20 16.85 -7.92 -3.15
CA PRO A 20 17.68 -6.76 -2.80
C PRO A 20 18.41 -6.95 -1.48
N VAL A 21 19.68 -6.57 -1.45
CA VAL A 21 20.52 -6.71 -0.26
C VAL A 21 19.90 -6.12 1.01
N ARG A 22 19.35 -4.91 0.89
CA ARG A 22 18.75 -4.24 2.04
C ARG A 22 17.67 -5.04 2.75
N LEU A 23 16.90 -5.81 2.00
CA LEU A 23 15.82 -6.58 2.61
C LEU A 23 16.26 -7.80 3.38
N CYS A 24 17.43 -8.34 3.06
CA CYS A 24 17.92 -9.52 3.76
C CYS A 24 17.89 -9.30 5.27
N LYS A 25 18.37 -8.16 5.72
CA LYS A 25 18.42 -7.83 7.14
C LYS A 25 17.04 -7.60 7.74
N GLU A 26 16.15 -6.98 6.96
CA GLU A 26 14.79 -6.67 7.41
C GLU A 26 13.92 -7.91 7.59
N ILE A 27 14.10 -8.86 6.69
CA ILE A 27 13.30 -10.08 6.70
C ILE A 27 13.46 -10.89 8.00
N GLU A 28 14.57 -10.69 8.70
CA GLU A 28 14.81 -11.44 9.94
C GLU A 28 13.98 -10.95 11.13
N LEU A 29 13.43 -9.75 11.02
CA LEU A 29 12.67 -9.16 12.11
C LEU A 29 11.20 -9.55 12.17
N PHE A 30 10.68 -9.72 13.38
CA PHE A 30 9.29 -10.10 13.59
C PHE A 30 8.29 -9.11 13.00
N HIS A 31 8.59 -7.82 13.12
CA HIS A 31 7.66 -6.80 12.64
C HIS A 31 7.72 -6.49 11.15
N PHE A 32 8.58 -7.16 10.40
CA PHE A 32 8.69 -6.91 8.97
C PHE A 32 7.32 -7.04 8.29
N ASP A 33 7.01 -6.08 7.42
CA ASP A 33 5.75 -6.06 6.67
C ASP A 33 6.10 -6.26 5.19
N ILE A 34 5.65 -7.36 4.60
CA ILE A 34 5.94 -7.62 3.19
C ILE A 34 5.15 -6.72 2.26
N GLY A 35 4.18 -6.01 2.81
CA GLY A 35 3.28 -5.17 2.02
C GLY A 35 3.82 -4.36 0.87
N PRO A 36 4.88 -3.55 1.06
CA PRO A 36 5.45 -2.71 0.00
C PRO A 36 6.27 -3.42 -1.07
N PHE A 37 6.35 -4.74 -1.01
CA PHE A 37 7.18 -5.48 -1.96
C PHE A 37 6.48 -6.59 -2.73
N GLU A 38 5.27 -6.33 -3.25
CA GLU A 38 4.50 -7.38 -3.91
C GLU A 38 5.22 -8.24 -4.94
N ASN A 39 5.93 -7.61 -5.87
CA ASN A 39 6.62 -8.39 -6.89
C ASN A 39 7.63 -9.36 -6.31
N MET A 40 8.09 -9.09 -5.10
CA MET A 40 9.10 -9.94 -4.46
C MET A 40 8.59 -11.03 -3.55
N TRP A 41 7.27 -11.11 -3.35
CA TRP A 41 6.74 -12.10 -2.43
C TRP A 41 7.17 -13.55 -2.65
N PRO A 42 7.08 -14.06 -3.90
CA PRO A 42 7.51 -15.47 -4.10
C PRO A 42 9.00 -15.60 -3.80
N GLY A 43 9.77 -14.60 -4.20
CA GLY A 43 11.21 -14.61 -3.97
C GLY A 43 11.55 -14.54 -2.50
N ILE A 44 10.75 -13.80 -1.75
CA ILE A 44 10.98 -13.71 -0.32
C ILE A 44 10.77 -15.10 0.29
N PHE A 45 9.77 -15.84 -0.17
CA PHE A 45 9.56 -17.18 0.37
C PHE A 45 10.74 -18.09 0.01
N VAL A 46 11.21 -18.06 -1.24
CA VAL A 46 12.35 -18.89 -1.62
C VAL A 46 13.51 -18.55 -0.70
N TYR A 47 13.75 -17.26 -0.48
CA TYR A 47 14.84 -16.83 0.39
C TYR A 47 14.73 -17.41 1.80
N MET A 48 13.55 -17.33 2.40
CA MET A 48 13.34 -17.85 3.74
C MET A 48 13.56 -19.36 3.81
N VAL A 49 13.04 -20.10 2.82
CA VAL A 49 13.25 -21.54 2.78
C VAL A 49 14.75 -21.84 2.71
N HIS A 50 15.45 -21.14 1.83
CA HIS A 50 16.89 -21.37 1.70
C HIS A 50 17.70 -21.04 2.95
N ARG A 51 17.34 -19.96 3.65
CA ARG A 51 18.06 -19.59 4.87
C ARG A 51 17.77 -20.54 6.02
N SER A 52 16.53 -21.00 6.12
CA SER A 52 16.14 -21.87 7.20
C SER A 52 16.46 -23.34 6.96
N CYS A 53 16.27 -23.77 5.71
CA CYS A 53 16.44 -25.17 5.36
C CYS A 53 17.62 -25.52 4.45
N GLY A 54 18.26 -24.49 3.89
CA GLY A 54 19.40 -24.73 3.01
C GLY A 54 19.02 -24.64 1.55
N THR A 55 19.95 -24.17 0.72
CA THR A 55 19.72 -24.04 -0.70
C THR A 55 19.52 -25.35 -1.44
N SER A 56 19.95 -26.45 -0.85
CA SER A 56 19.78 -27.76 -1.48
C SER A 56 18.69 -28.61 -0.86
N CYS A 57 17.92 -28.05 0.08
CA CYS A 57 16.85 -28.81 0.72
C CYS A 57 15.86 -29.32 -0.33
N PHE A 58 15.50 -28.43 -1.25
CA PHE A 58 14.56 -28.75 -2.32
C PHE A 58 15.18 -28.52 -3.69
N GLU A 59 14.77 -29.33 -4.67
CA GLU A 59 15.23 -29.14 -6.05
C GLU A 59 14.65 -27.77 -6.42
N LEU A 60 15.50 -26.83 -6.78
CA LEU A 60 15.06 -25.47 -7.11
C LEU A 60 13.89 -25.35 -8.11
N GLU A 61 13.96 -26.12 -9.19
CA GLU A 61 12.93 -26.11 -10.22
C GLU A 61 11.57 -26.49 -9.63
N LYS A 62 11.55 -27.59 -8.86
CA LYS A 62 10.32 -28.06 -8.23
C LYS A 62 9.80 -27.06 -7.22
N LEU A 63 10.70 -26.46 -6.44
CA LEU A 63 10.29 -25.49 -5.45
C LEU A 63 9.64 -24.27 -6.10
N CYS A 64 10.24 -23.79 -7.18
CA CYS A 64 9.68 -22.62 -7.86
C CYS A 64 8.32 -22.93 -8.49
N ARG A 65 8.16 -24.12 -9.06
CA ARG A 65 6.88 -24.51 -9.64
C ARG A 65 5.83 -24.59 -8.53
N PHE A 66 6.21 -25.22 -7.42
CA PHE A 66 5.31 -25.38 -6.29
C PHE A 66 4.84 -24.00 -5.79
N ILE A 67 5.78 -23.09 -5.58
CA ILE A 67 5.42 -21.77 -5.09
C ILE A 67 4.50 -21.01 -6.04
N MET A 68 4.85 -20.94 -7.31
CA MET A 68 4.01 -20.20 -8.25
C MET A 68 2.64 -20.85 -8.46
N SER A 69 2.55 -22.17 -8.32
CA SER A 69 1.24 -22.80 -8.46
C SER A 69 0.41 -22.53 -7.21
N VAL A 70 1.05 -22.51 -6.04
CA VAL A 70 0.34 -22.21 -4.79
C VAL A 70 -0.25 -20.80 -4.93
N LYS A 71 0.55 -19.85 -5.40
CA LYS A 71 0.07 -18.48 -5.56
C LYS A 71 -1.19 -18.49 -6.43
N LYS A 72 -1.14 -19.25 -7.51
CA LYS A 72 -2.25 -19.31 -8.45
C LYS A 72 -3.51 -19.98 -7.89
N ASN A 73 -3.39 -20.70 -6.79
CA ASN A 73 -4.56 -21.36 -6.23
C ASN A 73 -5.13 -20.63 -5.04
N TYR A 74 -4.62 -19.42 -4.80
CA TYR A 74 -5.19 -18.56 -3.78
C TYR A 74 -6.11 -17.70 -4.64
N ARG A 75 -7.25 -17.34 -4.09
CA ARG A 75 -8.24 -16.55 -4.83
C ARG A 75 -8.14 -15.07 -4.57
N ARG A 76 -8.83 -14.28 -5.40
CA ARG A 76 -8.80 -12.84 -5.24
C ARG A 76 -9.84 -12.35 -4.24
N VAL A 77 -9.70 -12.82 -3.00
CA VAL A 77 -10.59 -12.43 -1.92
C VAL A 77 -9.89 -11.29 -1.16
N PRO A 78 -10.63 -10.54 -0.33
CA PRO A 78 -10.00 -9.43 0.39
C PRO A 78 -8.91 -9.73 1.40
N TYR A 79 -9.04 -10.85 2.11
CA TYR A 79 -8.06 -11.14 3.15
C TYR A 79 -7.33 -12.47 3.08
N HIS A 80 -8.06 -13.57 2.91
CA HIS A 80 -7.40 -14.90 2.87
C HIS A 80 -6.85 -15.17 1.48
N ASN A 81 -5.87 -14.36 1.10
CA ASN A 81 -5.25 -14.41 -0.21
C ASN A 81 -3.75 -14.68 -0.17
N TRP A 82 -3.09 -14.52 -1.31
CA TRP A 82 -1.65 -14.76 -1.45
C TRP A 82 -0.81 -13.90 -0.51
N LYS A 83 -1.17 -12.63 -0.35
CA LYS A 83 -0.44 -11.76 0.55
C LYS A 83 -0.47 -12.32 1.98
N HIS A 84 -1.64 -12.79 2.40
CA HIS A 84 -1.82 -13.37 3.72
C HIS A 84 -0.91 -14.58 3.89
N ALA A 85 -0.88 -15.44 2.87
CA ALA A 85 -0.06 -16.65 2.92
C ALA A 85 1.41 -16.33 3.14
N VAL A 86 1.94 -15.37 2.40
CA VAL A 86 3.36 -15.04 2.56
C VAL A 86 3.63 -14.37 3.89
N THR A 87 2.68 -13.57 4.36
CA THR A 87 2.82 -12.89 5.65
C THR A 87 2.91 -13.92 6.77
N VAL A 88 2.04 -14.93 6.72
CA VAL A 88 2.05 -15.96 7.75
C VAL A 88 3.36 -16.77 7.69
N ALA A 89 3.79 -17.12 6.48
CA ALA A 89 5.05 -17.85 6.30
C ALA A 89 6.21 -17.04 6.84
N HIS A 90 6.22 -15.72 6.62
CA HIS A 90 7.31 -14.94 7.17
C HIS A 90 7.34 -14.94 8.70
N CYS A 91 6.17 -14.91 9.35
CA CYS A 91 6.17 -14.95 10.81
C CYS A 91 6.77 -16.28 11.28
N MET A 92 6.41 -17.37 10.60
CA MET A 92 6.95 -18.66 10.98
C MET A 92 8.47 -18.66 10.81
N TYR A 93 8.94 -18.06 9.72
CA TYR A 93 10.38 -17.98 9.47
C TYR A 93 11.06 -17.27 10.65
N ALA A 94 10.50 -16.15 11.08
CA ALA A 94 11.09 -15.42 12.21
C ALA A 94 11.07 -16.25 13.48
N ILE A 95 9.98 -16.98 13.71
CA ILE A 95 9.91 -17.81 14.90
C ILE A 95 10.97 -18.91 14.83
N LEU A 96 11.05 -19.58 13.69
CA LEU A 96 12.03 -20.65 13.52
C LEU A 96 13.46 -20.15 13.65
N GLN A 97 13.77 -19.02 13.01
CA GLN A 97 15.13 -18.50 13.09
C GLN A 97 15.53 -18.24 14.53
N ASN A 98 14.60 -17.76 15.35
CA ASN A 98 14.91 -17.45 16.74
C ASN A 98 14.88 -18.64 17.69
N ASN A 99 14.40 -19.78 17.20
CA ASN A 99 14.31 -21.00 18.01
C ASN A 99 14.76 -22.18 17.15
N HIS A 100 15.69 -21.91 16.23
CA HIS A 100 16.15 -22.88 15.25
C HIS A 100 16.35 -24.35 15.64
N THR A 101 17.24 -24.61 16.58
CA THR A 101 17.55 -25.98 16.94
C THR A 101 16.52 -26.70 17.77
N LEU A 102 15.42 -26.03 18.09
CA LEU A 102 14.39 -26.68 18.88
C LEU A 102 13.56 -27.51 17.92
N PHE A 103 13.63 -27.19 16.64
CA PHE A 103 12.87 -27.87 15.61
C PHE A 103 13.76 -28.61 14.63
N THR A 104 13.31 -29.79 14.20
CA THR A 104 14.09 -30.59 13.27
C THR A 104 14.05 -30.01 11.86
N ASP A 105 14.96 -30.47 11.00
CA ASP A 105 14.99 -29.99 9.63
C ASP A 105 13.64 -30.31 8.96
N LEU A 106 13.11 -31.49 9.24
CA LEU A 106 11.82 -31.91 8.67
C LEU A 106 10.70 -30.99 9.11
N GLU A 107 10.70 -30.62 10.38
CA GLU A 107 9.67 -29.72 10.91
C GLU A 107 9.78 -28.33 10.32
N ARG A 108 11.00 -27.80 10.21
CA ARG A 108 11.11 -26.46 9.64
C ARG A 108 10.65 -26.40 8.18
N LYS A 109 11.03 -27.37 7.37
CA LYS A 109 10.61 -27.32 5.98
C LYS A 109 9.10 -27.57 5.88
N GLY A 110 8.57 -28.45 6.72
CA GLY A 110 7.14 -28.73 6.70
C GLY A 110 6.31 -27.54 7.16
N LEU A 111 6.77 -26.84 8.18
CA LEU A 111 6.04 -25.69 8.71
C LEU A 111 6.06 -24.48 7.80
N LEU A 112 7.18 -24.23 7.12
CA LEU A 112 7.20 -23.09 6.21
C LEU A 112 6.24 -23.35 5.06
N ILE A 113 6.22 -24.58 4.55
CA ILE A 113 5.31 -24.95 3.48
C ILE A 113 3.85 -24.93 3.98
N ALA A 114 3.61 -25.46 5.18
CA ALA A 114 2.25 -25.45 5.73
C ALA A 114 1.73 -24.02 5.82
N CYS A 115 2.58 -23.09 6.25
CA CYS A 115 2.15 -21.70 6.36
C CYS A 115 1.84 -21.11 5.00
N LEU A 116 2.65 -21.38 3.99
CA LEU A 116 2.35 -20.83 2.68
C LEU A 116 1.03 -21.39 2.16
N CYS A 117 0.70 -22.62 2.55
CA CYS A 117 -0.50 -23.28 2.05
C CYS A 117 -1.71 -23.32 2.97
N HIS A 118 -1.59 -22.72 4.15
CA HIS A 118 -2.66 -22.87 5.14
C HIS A 118 -4.05 -22.38 4.82
N ASP A 119 -4.20 -21.49 3.84
CA ASP A 119 -5.53 -21.00 3.45
C ASP A 119 -5.77 -21.22 1.96
N LEU A 120 -5.11 -22.21 1.37
CA LEU A 120 -5.26 -22.49 -0.06
C LEU A 120 -6.70 -22.63 -0.54
N ASP A 121 -7.03 -21.89 -1.59
CA ASP A 121 -8.35 -21.93 -2.20
C ASP A 121 -9.48 -21.46 -1.29
N HIS A 122 -9.15 -20.54 -0.39
CA HIS A 122 -10.15 -19.97 0.50
C HIS A 122 -11.07 -19.15 -0.40
N ARG A 123 -12.37 -19.23 -0.17
CA ARG A 123 -13.33 -18.50 -0.99
C ARG A 123 -13.92 -17.29 -0.28
N GLY A 124 -13.45 -17.01 0.93
CA GLY A 124 -13.97 -15.87 1.66
C GLY A 124 -15.13 -16.20 2.56
N PHE A 125 -15.40 -17.49 2.75
CA PHE A 125 -16.49 -17.92 3.62
C PHE A 125 -15.96 -18.75 4.79
N SER A 126 -16.55 -18.48 5.96
CA SER A 126 -16.17 -19.15 7.22
C SER A 126 -16.73 -20.55 7.36
N ASN A 127 -16.20 -21.29 8.33
CA ASN A 127 -16.71 -22.62 8.60
C ASN A 127 -18.16 -22.50 9.06
N SER A 128 -18.49 -21.41 9.74
CA SER A 128 -19.84 -21.19 10.22
C SER A 128 -20.80 -21.15 9.05
N TYR A 129 -20.42 -20.46 7.98
CA TYR A 129 -21.26 -20.34 6.80
C TYR A 129 -21.43 -21.67 6.08
N LEU A 130 -20.33 -22.37 5.86
CA LEU A 130 -20.39 -23.63 5.14
C LEU A 130 -21.24 -24.66 5.85
N GLN A 131 -21.13 -24.71 7.17
CA GLN A 131 -21.91 -25.65 7.93
C GLN A 131 -23.37 -25.24 8.09
N LYS A 132 -23.63 -23.95 8.22
CA LYS A 132 -25.02 -23.50 8.36
C LYS A 132 -25.82 -23.78 7.10
N PHE A 133 -25.20 -23.58 5.95
CA PHE A 133 -25.89 -23.78 4.69
C PHE A 133 -25.59 -25.08 3.94
N ASP A 134 -25.10 -26.06 4.68
CA ASP A 134 -24.82 -27.38 4.13
C ASP A 134 -24.03 -27.42 2.83
N HIS A 135 -22.93 -26.68 2.76
CA HIS A 135 -22.11 -26.69 1.56
C HIS A 135 -21.53 -28.10 1.46
N PRO A 136 -21.28 -28.59 0.22
CA PRO A 136 -20.73 -29.94 0.05
C PRO A 136 -19.48 -30.17 0.90
N LEU A 137 -18.68 -29.13 1.07
CA LEU A 137 -17.45 -29.27 1.88
C LEU A 137 -17.75 -29.65 3.32
N ALA A 138 -18.86 -29.17 3.87
CA ALA A 138 -19.22 -29.49 5.25
C ALA A 138 -19.63 -30.95 5.40
N ALA A 139 -20.11 -31.54 4.32
CA ALA A 139 -20.52 -32.94 4.34
C ALA A 139 -19.30 -33.83 4.29
N LEU A 140 -18.31 -33.38 3.51
CA LEU A 140 -17.06 -34.12 3.35
C LEU A 140 -16.15 -33.99 4.57
N TYR A 141 -16.10 -32.78 5.12
CA TYR A 141 -15.25 -32.50 6.28
C TYR A 141 -16.14 -31.99 7.40
N SER A 142 -16.57 -32.90 8.29
CA SER A 142 -17.48 -32.56 9.38
C SER A 142 -17.04 -31.45 10.31
N THR A 143 -15.75 -31.41 10.64
CA THR A 143 -15.23 -30.33 11.49
C THR A 143 -13.98 -29.75 10.82
N SER A 144 -13.55 -28.56 11.27
CA SER A 144 -12.38 -27.87 10.67
C SER A 144 -12.53 -27.98 9.17
N THR A 145 -13.72 -27.67 8.69
CA THR A 145 -14.06 -27.82 7.29
C THR A 145 -13.12 -27.20 6.27
N MET A 146 -12.92 -25.89 6.34
CA MET A 146 -12.03 -25.25 5.37
C MET A 146 -10.59 -25.71 5.53
N GLU A 147 -10.17 -25.96 6.76
CA GLU A 147 -8.79 -26.38 7.00
C GLU A 147 -8.50 -27.76 6.40
N GLN A 148 -9.46 -28.69 6.50
CA GLN A 148 -9.25 -29.99 5.88
C GLN A 148 -9.15 -29.77 4.37
N HIS A 149 -9.95 -28.84 3.84
CA HIS A 149 -9.89 -28.54 2.42
C HIS A 149 -8.52 -27.94 2.07
N HIS A 150 -8.00 -27.03 2.88
CA HIS A 150 -6.70 -26.44 2.56
C HIS A 150 -5.61 -27.51 2.48
N PHE A 151 -5.68 -28.50 3.36
CA PHE A 151 -4.67 -29.56 3.33
C PHE A 151 -4.85 -30.39 2.06
N SER A 152 -6.10 -30.68 1.70
CA SER A 152 -6.35 -31.47 0.50
C SER A 152 -5.78 -30.75 -0.72
N GLN A 153 -5.95 -29.44 -0.75
CA GLN A 153 -5.44 -28.62 -1.84
C GLN A 153 -3.92 -28.68 -1.89
N THR A 154 -3.30 -28.69 -0.71
CA THR A 154 -1.85 -28.75 -0.61
C THR A 154 -1.35 -30.04 -1.23
N VAL A 155 -1.98 -31.16 -0.88
CA VAL A 155 -1.56 -32.44 -1.44
C VAL A 155 -1.80 -32.46 -2.95
N SER A 156 -2.89 -31.84 -3.42
CA SER A 156 -3.17 -31.79 -4.85
C SER A 156 -2.08 -31.04 -5.61
N ILE A 157 -1.51 -30.01 -5.01
CA ILE A 157 -0.45 -29.27 -5.68
C ILE A 157 0.82 -30.12 -5.74
N LEU A 158 1.12 -30.84 -4.66
CA LEU A 158 2.31 -31.69 -4.64
C LEU A 158 2.19 -32.76 -5.73
N GLN A 159 0.95 -33.14 -6.03
CA GLN A 159 0.68 -34.18 -7.02
C GLN A 159 0.80 -33.71 -8.48
N LEU A 160 0.92 -32.41 -8.69
CA LEU A 160 1.08 -31.89 -10.04
C LEU A 160 2.46 -32.29 -10.55
N GLU A 161 2.56 -32.59 -11.84
CA GLU A 161 3.83 -33.00 -12.42
C GLU A 161 4.93 -32.01 -12.10
N GLY A 162 6.04 -32.53 -11.59
CA GLY A 162 7.19 -31.69 -11.25
C GLY A 162 7.03 -30.75 -10.07
N HIS A 163 5.98 -30.91 -9.28
CA HIS A 163 5.74 -30.04 -8.12
C HIS A 163 6.02 -30.70 -6.78
N ASN A 164 6.34 -31.98 -6.74
CA ASN A 164 6.54 -32.61 -5.43
C ASN A 164 7.90 -32.39 -4.81
N ILE A 165 8.01 -31.29 -4.08
CA ILE A 165 9.25 -30.92 -3.44
C ILE A 165 9.70 -31.88 -2.36
N PHE A 166 8.79 -32.75 -1.89
CA PHE A 166 9.11 -33.69 -0.83
C PHE A 166 9.49 -35.09 -1.28
N SER A 167 9.45 -35.36 -2.58
CA SER A 167 9.75 -36.71 -3.06
C SER A 167 11.11 -37.27 -2.70
N THR A 168 12.12 -36.41 -2.50
CA THR A 168 13.44 -36.90 -2.16
C THR A 168 13.61 -37.34 -0.71
N LEU A 169 12.57 -37.18 0.09
CA LEU A 169 12.62 -37.63 1.47
C LEU A 169 12.46 -39.15 1.48
N SER A 170 13.03 -39.82 2.48
CA SER A 170 12.87 -41.28 2.59
C SER A 170 11.37 -41.50 2.74
N SER A 171 10.89 -42.72 2.53
CA SER A 171 9.44 -42.96 2.64
C SER A 171 8.91 -42.65 4.04
N SER A 172 9.73 -42.87 5.06
CA SER A 172 9.34 -42.60 6.44
C SER A 172 9.25 -41.10 6.68
N GLU A 173 10.26 -40.37 6.24
CA GLU A 173 10.26 -38.92 6.42
C GLU A 173 9.18 -38.25 5.60
N TYR A 174 8.86 -38.83 4.45
CA TYR A 174 7.82 -38.28 3.58
C TYR A 174 6.47 -38.35 4.30
N GLU A 175 6.19 -39.51 4.88
CA GLU A 175 4.95 -39.70 5.62
C GLU A 175 4.90 -38.73 6.80
N GLN A 176 6.03 -38.59 7.46
CA GLN A 176 6.12 -37.71 8.60
C GLN A 176 5.89 -36.25 8.26
N VAL A 177 6.47 -35.78 7.17
CA VAL A 177 6.28 -34.38 6.85
C VAL A 177 4.85 -34.10 6.43
N LEU A 178 4.19 -35.04 5.77
CA LEU A 178 2.80 -34.80 5.37
C LEU A 178 1.92 -34.68 6.60
N GLU A 179 2.23 -35.46 7.63
CA GLU A 179 1.49 -35.42 8.89
C GLU A 179 1.76 -34.12 9.64
N ILE A 180 3.01 -33.64 9.60
CA ILE A 180 3.35 -32.37 10.22
C ILE A 180 2.52 -31.29 9.56
N ILE A 181 2.47 -31.31 8.24
CA ILE A 181 1.72 -30.30 7.48
C ILE A 181 0.20 -30.42 7.75
N ARG A 182 -0.33 -31.64 7.78
CA ARG A 182 -1.75 -31.80 8.02
C ARG A 182 -2.12 -31.24 9.39
N LYS A 183 -1.39 -31.64 10.43
CA LYS A 183 -1.68 -31.18 11.78
C LYS A 183 -1.53 -29.67 11.89
N ALA A 184 -0.51 -29.11 11.25
CA ALA A 184 -0.27 -27.68 11.30
C ALA A 184 -1.39 -26.88 10.64
N ILE A 185 -1.87 -27.33 9.49
CA ILE A 185 -2.94 -26.63 8.81
C ILE A 185 -4.25 -26.78 9.60
N ILE A 186 -4.52 -27.96 10.12
CA ILE A 186 -5.75 -28.13 10.90
C ILE A 186 -5.71 -27.22 12.13
N ALA A 187 -4.53 -27.04 12.71
CA ALA A 187 -4.40 -26.21 13.90
C ALA A 187 -4.79 -24.75 13.66
N THR A 188 -4.77 -24.31 12.39
CA THR A 188 -5.15 -22.93 12.09
C THR A 188 -6.66 -22.71 12.21
N ASP A 189 -7.40 -23.77 12.54
CA ASP A 189 -8.85 -23.60 12.76
C ASP A 189 -8.92 -23.02 14.18
N LEU A 190 -9.31 -21.75 14.30
CA LEU A 190 -9.38 -21.12 15.61
C LEU A 190 -10.25 -21.84 16.62
N ALA A 191 -11.22 -22.63 16.16
CA ALA A 191 -12.06 -23.36 17.09
C ALA A 191 -11.22 -24.27 18.00
N LEU A 192 -10.12 -24.78 17.44
CA LEU A 192 -9.23 -25.69 18.16
C LEU A 192 -8.21 -24.96 19.02
N TYR A 193 -7.96 -23.71 18.70
CA TYR A 193 -7.01 -22.91 19.45
C TYR A 193 -7.37 -22.77 20.93
N PHE A 194 -8.65 -22.54 21.22
CA PHE A 194 -9.01 -22.32 22.62
C PHE A 194 -8.60 -23.44 23.55
N GLY A 195 -8.90 -24.67 23.13
CA GLY A 195 -8.53 -25.83 23.92
C GLY A 195 -7.04 -26.07 23.94
N ASN A 196 -6.39 -25.86 22.79
CA ASN A 196 -4.95 -26.08 22.70
C ASN A 196 -4.20 -25.13 23.65
N ARG A 197 -4.57 -23.86 23.64
CA ARG A 197 -3.89 -22.89 24.50
C ARG A 197 -4.13 -23.20 25.97
N LYS A 198 -5.37 -23.53 26.34
CA LYS A 198 -5.68 -23.88 27.72
C LYS A 198 -4.80 -25.06 28.17
N GLN A 199 -4.72 -26.09 27.33
CA GLN A 199 -3.90 -27.26 27.63
C GLN A 199 -2.42 -26.92 27.77
N LEU A 200 -1.89 -26.16 26.82
CA LEU A 200 -0.49 -25.77 26.86
C LEU A 200 -0.15 -24.91 28.07
N GLU A 201 -1.05 -23.99 28.40
CA GLU A 201 -0.83 -23.10 29.54
C GLU A 201 -0.70 -23.94 30.81
N GLU A 202 -1.56 -24.94 30.95
CA GLU A 202 -1.52 -25.81 32.13
C GLU A 202 -0.25 -26.68 32.15
N MET A 203 0.13 -27.23 31.00
CA MET A 203 1.33 -28.06 30.94
C MET A 203 2.55 -27.21 31.28
N TYR A 204 2.54 -25.96 30.83
CA TYR A 204 3.64 -25.04 31.11
C TYR A 204 3.69 -24.67 32.59
N GLN A 205 2.56 -24.25 33.14
CA GLN A 205 2.52 -23.84 34.54
C GLN A 205 2.83 -24.98 35.51
N THR A 206 2.43 -26.20 35.18
CA THR A 206 2.68 -27.35 36.05
C THR A 206 4.01 -28.01 35.80
N GLY A 207 4.71 -27.58 34.75
CA GLY A 207 6.01 -28.14 34.42
C GLY A 207 5.99 -29.49 33.73
N SER A 208 4.83 -29.92 33.24
CA SER A 208 4.75 -31.21 32.56
C SER A 208 5.07 -31.10 31.06
N LEU A 209 5.11 -29.87 30.53
CA LEU A 209 5.41 -29.69 29.11
C LEU A 209 6.77 -30.33 28.79
N ASN A 210 6.77 -31.22 27.79
CA ASN A 210 7.98 -31.95 27.40
C ASN A 210 8.08 -32.04 25.87
N LEU A 211 9.03 -31.31 25.28
CA LEU A 211 9.18 -31.32 23.83
C LEU A 211 9.69 -32.63 23.23
N ASN A 212 10.00 -33.59 24.09
CA ASN A 212 10.44 -34.89 23.60
C ASN A 212 9.21 -35.79 23.51
N ASN A 213 8.06 -35.24 23.91
CA ASN A 213 6.77 -35.93 23.89
C ASN A 213 6.06 -35.46 22.60
N GLN A 214 5.83 -36.37 21.65
CA GLN A 214 5.24 -35.98 20.37
C GLN A 214 3.94 -35.21 20.45
N SER A 215 3.03 -35.64 21.32
CA SER A 215 1.75 -34.93 21.43
C SER A 215 1.99 -33.50 21.94
N HIS A 216 3.02 -33.31 22.77
CA HIS A 216 3.31 -31.96 23.27
C HIS A 216 3.87 -31.12 22.13
N ARG A 217 4.77 -31.71 21.35
CA ARG A 217 5.36 -31.01 20.21
C ARG A 217 4.25 -30.58 19.27
N ASP A 218 3.31 -31.48 18.99
CA ASP A 218 2.21 -31.17 18.09
C ASP A 218 1.43 -29.95 18.59
N ARG A 219 1.17 -29.90 19.89
CA ARG A 219 0.44 -28.77 20.46
C ARG A 219 1.24 -27.47 20.37
N VAL A 220 2.54 -27.54 20.66
CA VAL A 220 3.35 -26.32 20.58
C VAL A 220 3.35 -25.80 19.13
N ILE A 221 3.52 -26.71 18.17
CA ILE A 221 3.51 -26.34 16.77
C ILE A 221 2.13 -25.77 16.41
N GLY A 222 1.07 -26.30 17.00
CA GLY A 222 -0.25 -25.76 16.71
C GLY A 222 -0.38 -24.33 17.19
N LEU A 223 0.17 -24.03 18.38
CA LEU A 223 0.10 -22.67 18.89
C LEU A 223 0.95 -21.74 18.00
N MET A 224 2.08 -22.24 17.50
CA MET A 224 2.92 -21.45 16.61
C MET A 224 2.12 -21.10 15.36
N MET A 225 1.37 -22.08 14.85
CA MET A 225 0.55 -21.84 13.66
C MET A 225 -0.52 -20.78 13.94
N THR A 226 -1.16 -20.82 15.10
CA THR A 226 -2.13 -19.80 15.43
C THR A 226 -1.44 -18.44 15.46
N ALA A 227 -0.32 -18.37 16.16
CA ALA A 227 0.43 -17.13 16.27
C ALA A 227 0.77 -16.55 14.92
N CYS A 228 1.20 -17.40 13.98
CA CYS A 228 1.54 -16.92 12.65
C CYS A 228 0.30 -16.52 11.86
N ALA A 229 -0.75 -17.34 11.94
CA ALA A 229 -1.97 -17.03 11.20
C ALA A 229 -2.60 -15.72 11.63
N LEU A 230 -2.40 -15.32 12.88
CA LEU A 230 -2.97 -14.06 13.39
C LEU A 230 -1.97 -12.91 13.45
N CYS A 231 -0.76 -13.11 12.92
CA CYS A 231 0.27 -12.11 13.07
C CYS A 231 0.04 -10.68 12.59
N SER A 232 -1.03 -10.44 11.86
CA SER A 232 -1.31 -9.07 11.45
C SER A 232 -1.43 -8.21 12.71
N VAL A 233 -1.85 -8.81 13.83
CA VAL A 233 -1.99 -8.04 15.07
C VAL A 233 -0.66 -7.75 15.76
N THR A 234 0.44 -8.15 15.13
CA THR A 234 1.77 -7.93 15.71
C THR A 234 2.62 -6.99 14.86
N LYS A 235 2.00 -6.36 13.87
CA LYS A 235 2.70 -5.42 12.99
C LYS A 235 2.55 -4.02 13.56
N LEU A 236 3.17 -3.03 12.92
CA LEU A 236 3.02 -1.67 13.42
C LEU A 236 1.55 -1.31 13.22
N TRP A 237 1.03 -0.46 14.11
CA TRP A 237 -0.38 -0.09 14.06
C TRP A 237 -0.97 0.24 12.69
N PRO A 238 -0.31 1.10 11.89
CA PRO A 238 -0.89 1.42 10.59
C PRO A 238 -1.10 0.19 9.71
N VAL A 239 -0.21 -0.78 9.82
CA VAL A 239 -0.29 -2.00 9.04
C VAL A 239 -1.43 -2.88 9.57
N THR A 240 -1.49 -3.03 10.88
CA THR A 240 -2.54 -3.80 11.53
C THR A 240 -3.90 -3.23 11.19
N LYS A 241 -4.00 -1.91 11.21
CA LYS A 241 -5.26 -1.23 10.91
C LYS A 241 -5.71 -1.45 9.47
N LEU A 242 -4.77 -1.32 8.53
CA LEU A 242 -5.10 -1.54 7.13
C LEU A 242 -5.53 -2.98 6.91
N THR A 243 -4.87 -3.92 7.56
CA THR A 243 -5.24 -5.33 7.39
C THR A 243 -6.63 -5.62 7.97
N ALA A 244 -6.98 -4.91 9.04
CA ALA A 244 -8.30 -5.11 9.63
C ALA A 244 -9.38 -4.73 8.59
N ASN A 245 -9.09 -3.73 7.75
CA ASN A 245 -10.04 -3.33 6.72
C ASN A 245 -10.34 -4.47 5.77
N ASP A 246 -9.29 -5.23 5.40
CA ASP A 246 -9.45 -6.35 4.48
C ASP A 246 -10.21 -7.50 5.14
N ILE A 247 -9.90 -7.76 6.40
CA ILE A 247 -10.55 -8.81 7.17
C ILE A 247 -12.05 -8.55 7.20
N TYR A 248 -12.43 -7.31 7.52
CA TYR A 248 -13.85 -7.01 7.58
C TYR A 248 -14.53 -6.98 6.23
N ALA A 249 -13.81 -6.58 5.19
CA ALA A 249 -14.40 -6.56 3.85
C ALA A 249 -14.85 -7.98 3.52
N GLU A 250 -14.05 -8.96 3.90
CA GLU A 250 -14.39 -10.35 3.66
C GLU A 250 -15.59 -10.75 4.52
N PHE A 251 -15.57 -10.38 5.80
CA PHE A 251 -16.66 -10.72 6.71
C PHE A 251 -17.99 -10.12 6.25
N TRP A 252 -17.96 -8.84 5.88
CA TRP A 252 -19.19 -8.17 5.44
C TRP A 252 -19.81 -8.85 4.23
N ALA A 253 -18.99 -9.36 3.32
CA ALA A 253 -19.51 -10.03 2.13
C ALA A 253 -20.22 -11.32 2.52
N GLU A 254 -19.70 -12.02 3.54
CA GLU A 254 -20.34 -13.24 4.00
C GLU A 254 -21.67 -12.88 4.64
N GLY A 255 -21.67 -11.80 5.42
CA GLY A 255 -22.88 -11.36 6.08
C GLY A 255 -23.96 -10.99 5.09
N ASP A 256 -23.55 -10.42 3.96
CA ASP A 256 -24.51 -10.04 2.93
C ASP A 256 -25.22 -11.28 2.38
N GLU A 257 -24.46 -12.36 2.22
CA GLU A 257 -25.05 -13.61 1.71
C GLU A 257 -26.02 -14.21 2.71
N MET A 258 -25.69 -14.11 4.00
CA MET A 258 -26.57 -14.65 5.03
C MET A 258 -27.93 -13.95 5.01
N LYS A 259 -27.91 -12.64 4.82
CA LYS A 259 -29.16 -11.88 4.77
C LYS A 259 -30.02 -12.37 3.60
N LYS A 260 -29.36 -12.74 2.49
CA LYS A 260 -30.09 -13.23 1.33
C LYS A 260 -30.72 -14.60 1.62
N LEU A 261 -30.16 -15.32 2.59
CA LEU A 261 -30.68 -16.63 2.96
C LEU A 261 -31.65 -16.51 4.15
N GLY A 262 -32.02 -15.28 4.46
CA GLY A 262 -32.95 -15.02 5.54
C GLY A 262 -32.43 -15.02 6.95
N ILE A 263 -31.10 -15.06 7.10
CA ILE A 263 -30.49 -15.11 8.43
C ILE A 263 -29.70 -13.85 8.77
N GLN A 264 -29.98 -13.28 9.94
CA GLN A 264 -29.29 -12.09 10.39
C GLN A 264 -27.86 -12.50 10.75
N PRO A 265 -26.85 -11.84 10.17
CA PRO A 265 -25.49 -12.24 10.52
C PRO A 265 -25.06 -11.74 11.89
N ILE A 266 -23.99 -12.30 12.42
CA ILE A 266 -23.49 -11.81 13.70
C ILE A 266 -23.08 -10.37 13.40
N PRO A 267 -23.06 -9.51 14.44
CA PRO A 267 -22.68 -8.11 14.20
C PRO A 267 -21.33 -7.92 13.49
N MET A 268 -20.36 -8.78 13.80
CA MET A 268 -19.06 -8.67 13.17
C MET A 268 -19.11 -8.78 11.64
N MET A 269 -20.11 -9.48 11.11
CA MET A 269 -20.22 -9.65 9.66
C MET A 269 -21.29 -8.76 9.02
N ASP A 270 -21.81 -7.82 9.80
CA ASP A 270 -22.86 -6.92 9.33
C ASP A 270 -22.26 -5.56 8.95
N ARG A 271 -22.25 -5.24 7.66
CA ARG A 271 -21.67 -3.97 7.22
C ARG A 271 -22.45 -2.76 7.70
N ASP A 272 -23.64 -3.00 8.25
CA ASP A 272 -24.48 -1.93 8.77
C ASP A 272 -24.25 -1.76 10.28
N LYS A 273 -23.27 -2.46 10.82
CA LYS A 273 -22.94 -2.37 12.25
C LYS A 273 -21.46 -2.07 12.48
N LYS A 274 -20.87 -1.27 11.60
CA LYS A 274 -19.45 -0.94 11.72
C LYS A 274 -19.10 -0.22 13.02
N ASP A 275 -20.05 0.44 13.65
CA ASP A 275 -19.76 1.13 14.89
C ASP A 275 -19.31 0.16 16.00
N GLU A 276 -19.67 -1.12 15.84
CA GLU A 276 -19.33 -2.13 16.84
C GLU A 276 -17.94 -2.75 16.66
N VAL A 277 -17.25 -2.38 15.59
CA VAL A 277 -15.95 -2.97 15.31
C VAL A 277 -14.86 -2.76 16.37
N PRO A 278 -14.68 -1.52 16.86
CA PRO A 278 -13.64 -1.33 17.87
C PRO A 278 -13.78 -2.24 19.08
N GLN A 279 -15.00 -2.37 19.59
CA GLN A 279 -15.22 -3.23 20.75
C GLN A 279 -15.03 -4.68 20.34
N GLY A 280 -15.39 -4.99 19.10
CA GLY A 280 -15.22 -6.35 18.59
C GLY A 280 -13.75 -6.72 18.57
N GLN A 281 -12.91 -5.78 18.14
CA GLN A 281 -11.47 -6.02 18.11
C GLN A 281 -10.93 -6.17 19.53
N LEU A 282 -11.40 -5.34 20.44
CA LEU A 282 -10.97 -5.46 21.83
C LEU A 282 -11.26 -6.89 22.32
N GLY A 283 -12.48 -7.36 22.02
CA GLY A 283 -12.87 -8.69 22.43
C GLY A 283 -11.98 -9.77 21.83
N PHE A 284 -11.62 -9.61 20.57
CA PHE A 284 -10.75 -10.58 19.90
C PHE A 284 -9.35 -10.58 20.53
N TYR A 285 -8.80 -9.41 20.79
CA TYR A 285 -7.47 -9.32 21.41
C TYR A 285 -7.48 -9.92 22.80
N ASN A 286 -8.51 -9.64 23.60
CA ASN A 286 -8.56 -10.19 24.94
C ASN A 286 -8.81 -11.69 25.01
N ALA A 287 -9.65 -12.21 24.11
CA ALA A 287 -9.99 -13.63 24.14
C ALA A 287 -9.12 -14.55 23.29
N VAL A 288 -8.45 -13.99 22.30
CA VAL A 288 -7.64 -14.81 21.43
C VAL A 288 -6.18 -14.37 21.28
N ALA A 289 -5.96 -13.18 20.75
CA ALA A 289 -4.60 -12.71 20.49
C ALA A 289 -3.64 -12.61 21.67
N ILE A 290 -4.02 -11.85 22.70
CA ILE A 290 -3.15 -11.71 23.85
C ILE A 290 -2.82 -13.04 24.52
N PRO A 291 -3.85 -13.87 24.83
CA PRO A 291 -3.50 -15.16 25.47
C PRO A 291 -2.60 -16.02 24.58
N CYS A 292 -2.82 -15.99 23.26
CA CYS A 292 -2.01 -16.77 22.33
C CYS A 292 -0.54 -16.38 22.43
N TYR A 293 -0.24 -15.11 22.27
CA TYR A 293 1.15 -14.67 22.32
C TYR A 293 1.74 -14.74 23.72
N THR A 294 0.90 -14.66 24.75
CA THR A 294 1.39 -14.75 26.12
C THR A 294 1.92 -16.16 26.37
N THR A 295 1.12 -17.17 26.03
CA THR A 295 1.54 -18.55 26.21
C THR A 295 2.71 -18.89 25.27
N LEU A 296 2.70 -18.37 24.05
CA LEU A 296 3.78 -18.64 23.12
C LEU A 296 5.11 -18.11 23.68
N THR A 297 5.07 -16.92 24.25
CA THR A 297 6.28 -16.30 24.81
C THR A 297 6.80 -17.10 26.00
N GLN A 298 5.89 -17.66 26.79
CA GLN A 298 6.30 -18.47 27.93
C GLN A 298 7.05 -19.71 27.46
N ILE A 299 6.53 -20.35 26.42
CA ILE A 299 7.16 -21.58 25.90
C ILE A 299 8.40 -21.29 25.07
N LEU A 300 8.35 -20.22 24.26
CA LEU A 300 9.46 -19.84 23.41
C LEU A 300 9.79 -18.37 23.68
N PRO A 301 10.63 -18.12 24.69
CA PRO A 301 11.04 -16.76 25.08
C PRO A 301 11.42 -15.80 23.95
N PRO A 302 12.13 -16.27 22.92
CA PRO A 302 12.51 -15.38 21.81
C PRO A 302 11.35 -14.76 21.02
N THR A 303 10.14 -15.28 21.19
CA THR A 303 9.01 -14.74 20.47
C THR A 303 8.36 -13.55 21.18
N GLU A 304 8.95 -13.11 22.28
CA GLU A 304 8.39 -12.00 23.05
C GLU A 304 8.01 -10.76 22.23
N PRO A 305 8.77 -10.44 21.17
CA PRO A 305 8.40 -9.25 20.40
C PRO A 305 6.99 -9.28 19.83
N LEU A 306 6.48 -10.47 19.55
CA LEU A 306 5.13 -10.60 19.01
C LEU A 306 4.14 -10.17 20.07
N LEU A 307 4.35 -10.61 21.31
CA LEU A 307 3.47 -10.25 22.41
C LEU A 307 3.51 -8.75 22.67
N LYS A 308 4.70 -8.17 22.66
CA LYS A 308 4.82 -6.74 22.90
C LYS A 308 4.05 -5.95 21.83
N ALA A 309 4.21 -6.34 20.58
CA ALA A 309 3.52 -5.68 19.47
C ALA A 309 2.01 -5.85 19.60
N CYS A 310 1.57 -7.05 20.02
CA CYS A 310 0.13 -7.31 20.18
C CYS A 310 -0.43 -6.39 21.26
N ARG A 311 0.28 -6.31 22.39
CA ARG A 311 -0.13 -5.43 23.48
C ARG A 311 -0.23 -3.98 23.02
N ASP A 312 0.71 -3.55 22.18
CA ASP A 312 0.68 -2.17 21.68
C ASP A 312 -0.56 -1.95 20.83
N ASN A 313 -0.93 -2.92 20.01
CA ASN A 313 -2.10 -2.75 19.18
C ASN A 313 -3.41 -2.80 19.98
N LEU A 314 -3.44 -3.56 21.07
CA LEU A 314 -4.61 -3.60 21.93
C LEU A 314 -4.81 -2.19 22.45
N SER A 315 -3.72 -1.57 22.88
CA SER A 315 -3.77 -0.20 23.39
C SER A 315 -4.31 0.75 22.34
N GLN A 316 -3.95 0.52 21.08
CA GLN A 316 -4.44 1.37 19.99
C GLN A 316 -5.94 1.24 19.83
N TRP A 317 -6.46 0.01 19.93
CA TRP A 317 -7.90 -0.16 19.80
C TRP A 317 -8.60 0.48 21.00
N GLU A 318 -7.96 0.46 22.16
CA GLU A 318 -8.56 1.09 23.33
C GLU A 318 -8.61 2.60 23.08
N LYS A 319 -7.60 3.13 22.39
CA LYS A 319 -7.60 4.56 22.08
C LYS A 319 -8.73 4.91 21.14
N VAL A 320 -9.01 4.02 20.19
CA VAL A 320 -10.10 4.25 19.26
C VAL A 320 -11.41 4.33 20.06
N ILE A 321 -11.60 3.38 20.96
CA ILE A 321 -12.80 3.34 21.78
C ILE A 321 -12.96 4.62 22.61
N ARG A 322 -11.84 5.20 23.03
CA ARG A 322 -11.88 6.45 23.81
C ARG A 322 -12.02 7.68 22.91
N GLY A 323 -12.17 7.46 21.61
CA GLY A 323 -12.32 8.56 20.66
C GLY A 323 -11.06 9.33 20.33
N GLU A 324 -9.90 8.70 20.49
CA GLU A 324 -8.62 9.36 20.24
C GLU A 324 -7.95 9.05 18.90
N GLU A 325 -8.68 8.39 18.00
CA GLU A 325 -8.17 8.02 16.67
C GLU A 325 -7.73 9.22 15.83
N THR A 326 -6.67 9.04 15.03
CA THR A 326 -6.20 10.12 14.15
C THR A 326 -6.35 9.76 12.67
N SER B 1 -13.43 34.08 -11.70
CA SER B 1 -13.74 35.53 -11.48
C SER B 1 -12.55 36.39 -11.89
N HIS B 2 -12.11 37.26 -10.99
CA HIS B 2 -10.95 38.10 -11.30
C HIS B 2 -9.65 37.36 -11.02
N MET B 3 -8.76 37.37 -12.01
CA MET B 3 -7.47 36.71 -11.87
C MET B 3 -6.39 37.77 -11.77
N SER B 4 -5.53 37.65 -10.76
CA SER B 4 -4.45 38.60 -10.58
C SER B 4 -3.37 38.40 -11.63
N ILE B 5 -2.63 39.47 -11.92
CA ILE B 5 -1.57 39.39 -12.92
C ILE B 5 -0.24 39.89 -12.37
N CYS B 6 0.82 39.52 -13.06
CA CYS B 6 2.14 39.96 -12.64
C CYS B 6 2.43 41.37 -13.15
N THR B 7 3.47 41.97 -12.59
CA THR B 7 3.91 43.28 -13.01
C THR B 7 4.97 43.07 -14.09
N SER B 8 5.28 44.12 -14.84
CA SER B 8 6.30 44.05 -15.90
C SER B 8 7.64 43.63 -15.32
N GLU B 9 7.95 44.18 -14.17
CA GLU B 9 9.21 43.87 -13.51
C GLU B 9 9.27 42.39 -13.16
N GLU B 10 8.16 41.82 -12.73
CA GLU B 10 8.14 40.41 -12.38
C GLU B 10 8.42 39.49 -13.57
N TRP B 11 7.72 39.65 -14.70
CA TRP B 11 8.02 38.75 -15.81
C TRP B 11 9.37 39.08 -16.45
N GLN B 12 9.77 40.35 -16.44
CA GLN B 12 11.07 40.72 -17.01
C GLN B 12 12.20 40.09 -16.20
N GLY B 13 12.04 40.04 -14.88
CA GLY B 13 13.06 39.44 -14.04
C GLY B 13 13.16 37.95 -14.33
N LEU B 14 12.02 37.32 -14.58
CA LEU B 14 12.01 35.89 -14.88
C LEU B 14 12.69 35.64 -16.23
N MET B 15 12.44 36.51 -17.20
CA MET B 15 13.05 36.38 -18.52
C MET B 15 14.58 36.41 -18.45
N GLN B 16 15.13 37.16 -17.50
CA GLN B 16 16.57 37.31 -17.36
C GLN B 16 17.25 36.24 -16.51
N PHE B 17 16.45 35.36 -15.92
CA PHE B 17 16.99 34.31 -15.06
C PHE B 17 17.68 33.19 -15.82
N THR B 18 18.78 32.71 -15.26
CA THR B 18 19.52 31.58 -15.83
C THR B 18 19.78 30.59 -14.70
N LEU B 19 19.41 29.34 -14.90
CA LEU B 19 19.60 28.32 -13.89
C LEU B 19 21.10 28.17 -13.59
N PRO B 20 21.48 28.16 -12.30
CA PRO B 20 22.90 28.00 -11.96
C PRO B 20 23.39 26.68 -12.56
N VAL B 21 24.54 26.69 -13.21
CA VAL B 21 25.04 25.47 -13.85
C VAL B 21 25.13 24.23 -12.97
N ARG B 22 25.42 24.40 -11.68
CA ARG B 22 25.52 23.25 -10.80
C ARG B 22 24.20 22.49 -10.71
N LEU B 23 23.10 23.16 -10.99
CA LEU B 23 21.80 22.48 -10.93
C LEU B 23 21.40 21.75 -12.22
N CYS B 24 22.16 21.90 -13.30
CA CYS B 24 21.80 21.23 -14.55
C CYS B 24 21.77 19.72 -14.45
N LYS B 25 22.65 19.14 -13.63
CA LYS B 25 22.66 17.70 -13.49
C LYS B 25 21.62 17.27 -12.46
N GLU B 26 21.55 18.02 -11.36
CA GLU B 26 20.64 17.72 -10.26
C GLU B 26 19.17 17.71 -10.65
N ILE B 27 18.78 18.71 -11.45
CA ILE B 27 17.38 18.86 -11.84
C ILE B 27 16.80 17.70 -12.65
N GLU B 28 17.66 16.91 -13.27
CA GLU B 28 17.20 15.78 -14.06
C GLU B 28 16.85 14.59 -13.17
N LEU B 29 17.31 14.59 -11.92
CA LEU B 29 17.05 13.48 -11.02
C LEU B 29 15.64 13.52 -10.46
N PHE B 30 15.02 12.35 -10.30
CA PHE B 30 13.66 12.31 -9.76
C PHE B 30 13.57 12.88 -8.36
N HIS B 31 14.60 12.68 -7.54
CA HIS B 31 14.57 13.16 -6.18
C HIS B 31 15.04 14.60 -5.96
N PHE B 32 15.23 15.34 -7.05
CA PHE B 32 15.65 16.74 -6.95
C PHE B 32 14.69 17.50 -6.02
N ASP B 33 15.25 18.35 -5.18
CA ASP B 33 14.49 19.16 -4.24
C ASP B 33 14.62 20.64 -4.63
N ILE B 34 13.51 21.29 -4.97
CA ILE B 34 13.59 22.71 -5.34
C ILE B 34 13.64 23.58 -4.06
N GLY B 35 13.38 22.94 -2.92
CA GLY B 35 13.32 23.62 -1.65
C GLY B 35 14.27 24.78 -1.32
N PRO B 36 15.58 24.57 -1.44
CA PRO B 36 16.54 25.63 -1.12
C PRO B 36 16.64 26.75 -2.16
N PHE B 37 15.77 26.78 -3.16
CA PHE B 37 15.88 27.80 -4.20
C PHE B 37 14.61 28.61 -4.51
N GLU B 38 13.95 29.16 -3.50
CA GLU B 38 12.70 29.90 -3.71
C GLU B 38 12.68 30.97 -4.80
N ASN B 39 13.65 31.89 -4.76
CA ASN B 39 13.67 32.94 -5.78
C ASN B 39 13.91 32.30 -7.15
N MET B 40 14.24 31.03 -7.17
CA MET B 40 14.52 30.32 -8.42
C MET B 40 13.35 29.49 -8.95
N TRP B 41 12.30 29.33 -8.17
CA TRP B 41 11.22 28.47 -8.63
C TRP B 41 10.61 28.78 -10.00
N PRO B 42 10.24 30.04 -10.28
CA PRO B 42 9.68 30.31 -11.61
C PRO B 42 10.71 30.01 -12.70
N GLY B 43 11.97 30.33 -12.42
CA GLY B 43 13.05 30.11 -13.37
C GLY B 43 13.29 28.64 -13.60
N ILE B 44 13.11 27.83 -12.56
CA ILE B 44 13.24 26.38 -12.67
C ILE B 44 12.14 25.87 -13.61
N PHE B 45 10.93 26.43 -13.49
CA PHE B 45 9.86 25.98 -14.36
C PHE B 45 10.15 26.36 -15.81
N VAL B 46 10.61 27.59 -16.06
CA VAL B 46 10.93 27.99 -17.43
C VAL B 46 12.00 27.07 -18.02
N TYR B 47 13.01 26.75 -17.23
CA TYR B 47 14.09 25.87 -17.68
C TYR B 47 13.54 24.52 -18.11
N MET B 48 12.68 23.94 -17.29
CA MET B 48 12.11 22.64 -17.62
C MET B 48 11.27 22.67 -18.88
N VAL B 49 10.47 23.72 -19.06
CA VAL B 49 9.67 23.84 -20.27
C VAL B 49 10.60 23.94 -21.49
N HIS B 50 11.64 24.75 -21.38
CA HIS B 50 12.58 24.88 -22.48
C HIS B 50 13.30 23.59 -22.83
N ARG B 51 13.72 22.81 -21.83
CA ARG B 51 14.43 21.58 -22.13
C ARG B 51 13.50 20.51 -22.70
N SER B 52 12.27 20.47 -22.19
CA SER B 52 11.33 19.45 -22.65
C SER B 52 10.58 19.81 -23.93
N CYS B 53 10.18 21.08 -24.02
CA CYS B 53 9.37 21.53 -25.15
C CYS B 53 10.10 22.38 -26.18
N GLY B 54 11.25 22.91 -25.80
CA GLY B 54 12.01 23.73 -26.72
C GLY B 54 11.81 25.20 -26.38
N THR B 55 12.80 26.03 -26.72
CA THR B 55 12.70 27.46 -26.45
C THR B 55 11.76 28.17 -27.42
N SER B 56 11.34 27.48 -28.47
CA SER B 56 10.45 28.08 -29.47
C SER B 56 8.98 27.69 -29.27
N CYS B 57 8.74 26.73 -28.39
CA CYS B 57 7.38 26.27 -28.11
C CYS B 57 6.46 27.43 -27.71
N PHE B 58 6.92 28.25 -26.77
CA PHE B 58 6.14 29.39 -26.30
C PHE B 58 6.89 30.71 -26.50
N GLU B 59 6.15 31.76 -26.81
CA GLU B 59 6.78 33.07 -26.96
C GLU B 59 7.27 33.36 -25.54
N LEU B 60 8.57 33.59 -25.39
CA LEU B 60 9.18 33.83 -24.08
C LEU B 60 8.45 34.84 -23.18
N GLU B 61 8.17 36.01 -23.71
CA GLU B 61 7.50 37.03 -22.90
C GLU B 61 6.16 36.56 -22.37
N LYS B 62 5.35 35.95 -23.24
CA LYS B 62 4.04 35.45 -22.83
C LYS B 62 4.17 34.34 -21.79
N LEU B 63 5.11 33.43 -22.02
CA LEU B 63 5.31 32.33 -21.09
C LEU B 63 5.71 32.87 -19.72
N CYS B 64 6.62 33.83 -19.70
CA CYS B 64 7.06 34.40 -18.43
C CYS B 64 5.93 35.16 -17.73
N ARG B 65 5.12 35.86 -18.52
CA ARG B 65 3.98 36.58 -17.97
C ARG B 65 2.98 35.58 -17.39
N PHE B 66 2.72 34.51 -18.13
CA PHE B 66 1.80 33.48 -17.66
C PHE B 66 2.26 32.88 -16.32
N ILE B 67 3.54 32.50 -16.24
CA ILE B 67 4.07 31.89 -15.01
C ILE B 67 3.97 32.80 -13.79
N MET B 68 4.39 34.05 -13.95
CA MET B 68 4.36 34.98 -12.82
C MET B 68 2.93 35.36 -12.42
N SER B 69 1.98 35.28 -13.34
CA SER B 69 0.59 35.58 -12.99
C SER B 69 0.01 34.39 -12.26
N VAL B 70 0.37 33.17 -12.69
CA VAL B 70 -0.11 31.98 -12.01
C VAL B 70 0.34 32.04 -10.55
N LYS B 71 1.59 32.44 -10.32
CA LYS B 71 2.12 32.53 -8.96
C LYS B 71 1.26 33.44 -8.09
N LYS B 72 0.79 34.53 -8.66
CA LYS B 72 -0.03 35.48 -7.92
C LYS B 72 -1.43 34.99 -7.62
N ASN B 73 -1.79 33.84 -8.17
CA ASN B 73 -3.11 33.28 -7.92
C ASN B 73 -3.04 32.03 -7.03
N TYR B 74 -1.88 31.79 -6.46
CA TYR B 74 -1.71 30.71 -5.49
C TYR B 74 -1.75 31.44 -4.14
N ARG B 75 -2.35 30.81 -3.14
CA ARG B 75 -2.46 31.42 -1.82
C ARG B 75 -1.40 30.94 -0.85
N ARG B 76 -1.23 31.67 0.24
CA ARG B 76 -0.25 31.29 1.24
C ARG B 76 -0.88 30.29 2.20
N VAL B 77 -1.03 29.07 1.71
CA VAL B 77 -1.62 27.99 2.50
C VAL B 77 -0.50 26.99 2.80
N PRO B 78 -0.66 26.17 3.86
CA PRO B 78 0.32 25.17 4.26
C PRO B 78 0.82 24.16 3.24
N TYR B 79 -0.07 23.66 2.39
CA TYR B 79 0.33 22.61 1.44
C TYR B 79 0.06 22.88 -0.04
N HIS B 80 -1.16 23.30 -0.36
CA HIS B 80 -1.58 23.53 -1.74
C HIS B 80 -1.13 24.91 -2.20
N ASN B 81 0.18 25.13 -2.22
CA ASN B 81 0.74 26.43 -2.57
C ASN B 81 1.63 26.43 -3.81
N TRP B 82 2.23 27.59 -4.07
CA TRP B 82 3.11 27.77 -5.22
C TRP B 82 4.32 26.83 -5.20
N LYS B 83 4.94 26.66 -4.03
CA LYS B 83 6.09 25.76 -3.95
C LYS B 83 5.68 24.36 -4.40
N HIS B 84 4.54 23.88 -3.88
CA HIS B 84 4.04 22.56 -4.23
C HIS B 84 3.80 22.44 -5.74
N ALA B 85 3.22 23.47 -6.34
CA ALA B 85 2.96 23.45 -7.78
C ALA B 85 4.24 23.23 -8.58
N VAL B 86 5.30 23.96 -8.25
CA VAL B 86 6.54 23.79 -8.98
C VAL B 86 7.17 22.41 -8.72
N THR B 87 7.02 21.93 -7.48
CA THR B 87 7.52 20.61 -7.10
C THR B 87 6.83 19.54 -7.95
N VAL B 88 5.51 19.66 -8.10
CA VAL B 88 4.76 18.72 -8.89
C VAL B 88 5.20 18.81 -10.36
N ALA B 89 5.40 20.04 -10.87
CA ALA B 89 5.84 20.21 -12.25
C ALA B 89 7.21 19.58 -12.48
N HIS B 90 8.10 19.68 -11.51
CA HIS B 90 9.39 19.07 -11.69
C HIS B 90 9.32 17.54 -11.77
N CYS B 91 8.47 16.91 -10.97
CA CYS B 91 8.37 15.46 -11.06
C CYS B 91 7.85 15.11 -12.46
N MET B 92 6.89 15.89 -12.97
CA MET B 92 6.38 15.61 -14.30
C MET B 92 7.50 15.75 -15.33
N TYR B 93 8.35 16.77 -15.17
CA TYR B 93 9.47 16.98 -16.07
C TYR B 93 10.36 15.75 -16.08
N ALA B 94 10.68 15.24 -14.90
CA ALA B 94 11.53 14.05 -14.80
C ALA B 94 10.87 12.82 -15.44
N ILE B 95 9.56 12.64 -15.24
CA ILE B 95 8.89 11.50 -15.86
C ILE B 95 8.94 11.66 -17.38
N LEU B 96 8.60 12.85 -17.87
CA LEU B 96 8.61 13.09 -19.31
C LEU B 96 10.00 12.91 -19.94
N GLN B 97 11.01 13.45 -19.30
CA GLN B 97 12.37 13.34 -19.82
C GLN B 97 12.84 11.89 -19.91
N ASN B 98 12.41 11.07 -18.96
CA ASN B 98 12.83 9.66 -18.94
C ASN B 98 11.95 8.74 -19.81
N ASN B 99 10.94 9.33 -20.45
CA ASN B 99 10.00 8.60 -21.31
C ASN B 99 9.57 9.52 -22.45
N HIS B 100 10.40 10.49 -22.83
CA HIS B 100 9.99 11.46 -23.85
C HIS B 100 9.49 10.91 -25.20
N THR B 101 10.02 9.76 -25.62
CA THR B 101 9.58 9.21 -26.89
C THR B 101 8.12 8.74 -26.91
N LEU B 102 7.52 8.58 -25.74
CA LEU B 102 6.13 8.12 -25.66
C LEU B 102 5.07 9.22 -25.65
N PHE B 103 5.45 10.43 -25.31
CA PHE B 103 4.49 11.53 -25.24
C PHE B 103 4.64 12.55 -26.34
N THR B 104 3.50 13.04 -26.84
CA THR B 104 3.50 14.02 -27.92
C THR B 104 3.92 15.41 -27.44
N ASP B 105 4.33 16.26 -28.39
CA ASP B 105 4.73 17.60 -28.00
C ASP B 105 3.55 18.28 -27.29
N LEU B 106 2.33 18.04 -27.76
CA LEU B 106 1.17 18.67 -27.13
C LEU B 106 0.98 18.16 -25.70
N GLU B 107 1.18 16.87 -25.47
CA GLU B 107 1.03 16.34 -24.14
C GLU B 107 2.10 16.91 -23.21
N ARG B 108 3.34 17.00 -23.70
CA ARG B 108 4.43 17.52 -22.89
C ARG B 108 4.14 18.95 -22.44
N LYS B 109 3.81 19.83 -23.37
CA LYS B 109 3.55 21.22 -22.97
C LYS B 109 2.26 21.32 -22.15
N GLY B 110 1.24 20.56 -22.52
CA GLY B 110 0.00 20.60 -21.76
C GLY B 110 0.17 20.10 -20.34
N LEU B 111 0.90 19.01 -20.15
CA LEU B 111 1.08 18.47 -18.81
C LEU B 111 1.94 19.33 -17.88
N LEU B 112 2.98 19.98 -18.42
CA LEU B 112 3.79 20.83 -17.56
C LEU B 112 2.95 22.02 -17.10
N ILE B 113 2.15 22.58 -18.01
CA ILE B 113 1.29 23.70 -17.63
C ILE B 113 0.22 23.22 -16.65
N ALA B 114 -0.33 22.03 -16.89
CA ALA B 114 -1.35 21.52 -15.98
C ALA B 114 -0.78 21.36 -14.58
N CYS B 115 0.46 20.87 -14.47
CA CYS B 115 1.08 20.69 -13.15
C CYS B 115 1.27 22.02 -12.44
N LEU B 116 1.74 23.04 -13.16
CA LEU B 116 1.93 24.34 -12.52
C LEU B 116 0.60 24.90 -12.02
N CYS B 117 -0.48 24.61 -12.74
CA CYS B 117 -1.79 25.15 -12.38
C CYS B 117 -2.72 24.22 -11.63
N HIS B 118 -2.26 23.02 -11.32
CA HIS B 118 -3.18 22.05 -10.73
C HIS B 118 -3.89 22.33 -9.41
N ASP B 119 -3.38 23.27 -8.61
CA ASP B 119 -4.03 23.63 -7.34
C ASP B 119 -4.35 25.13 -7.28
N LEU B 120 -4.46 25.76 -8.44
CA LEU B 120 -4.74 27.19 -8.48
C LEU B 120 -5.89 27.64 -7.58
N ASP B 121 -5.64 28.68 -6.79
CA ASP B 121 -6.63 29.27 -5.89
C ASP B 121 -7.13 28.33 -4.80
N HIS B 122 -6.29 27.40 -4.37
CA HIS B 122 -6.69 26.48 -3.32
C HIS B 122 -6.69 27.22 -1.98
N ARG B 123 -7.70 26.98 -1.15
CA ARG B 123 -7.75 27.64 0.15
C ARG B 123 -7.43 26.68 1.30
N GLY B 124 -7.04 25.45 0.97
CA GLY B 124 -6.68 24.48 1.99
C GLY B 124 -7.75 23.49 2.43
N PHE B 125 -8.92 23.56 1.81
CA PHE B 125 -10.01 22.66 2.18
C PHE B 125 -10.22 21.51 1.20
N SER B 126 -10.60 20.36 1.75
CA SER B 126 -10.81 19.16 0.95
C SER B 126 -12.19 19.15 0.31
N ASN B 127 -12.36 18.30 -0.71
CA ASN B 127 -13.65 18.17 -1.35
C ASN B 127 -14.62 17.61 -0.33
N SER B 128 -14.15 16.70 0.51
CA SER B 128 -14.99 16.10 1.56
C SER B 128 -15.57 17.22 2.42
N TYR B 129 -14.73 18.15 2.81
CA TYR B 129 -15.15 19.28 3.64
C TYR B 129 -16.22 20.13 2.94
N LEU B 130 -15.98 20.47 1.67
CA LEU B 130 -16.91 21.31 0.93
C LEU B 130 -18.27 20.63 0.77
N GLN B 131 -18.24 19.33 0.57
CA GLN B 131 -19.46 18.58 0.39
C GLN B 131 -20.16 18.36 1.73
N LYS B 132 -19.39 17.98 2.74
CA LYS B 132 -19.92 17.76 4.10
C LYS B 132 -20.67 19.00 4.61
N PHE B 133 -20.17 20.16 4.24
CA PHE B 133 -20.77 21.43 4.68
C PHE B 133 -21.56 22.19 3.64
N ASP B 134 -21.94 21.51 2.56
CA ASP B 134 -22.72 22.11 1.47
C ASP B 134 -22.23 23.51 1.10
N HIS B 135 -20.95 23.61 0.80
CA HIS B 135 -20.35 24.88 0.40
C HIS B 135 -20.79 25.20 -1.03
N PRO B 136 -20.98 26.49 -1.34
CA PRO B 136 -21.39 26.93 -2.68
C PRO B 136 -20.59 26.31 -3.82
N LEU B 137 -19.29 26.16 -3.61
CA LEU B 137 -18.45 25.58 -4.65
C LEU B 137 -18.87 24.14 -4.91
N ALA B 138 -19.30 23.46 -3.85
CA ALA B 138 -19.74 22.07 -3.97
C ALA B 138 -21.07 22.01 -4.71
N ALA B 139 -21.81 23.12 -4.66
CA ALA B 139 -23.10 23.20 -5.34
C ALA B 139 -22.86 23.32 -6.83
N LEU B 140 -21.80 24.04 -7.21
CA LEU B 140 -21.45 24.21 -8.62
C LEU B 140 -20.83 22.94 -9.18
N TYR B 141 -19.83 22.41 -8.46
CA TYR B 141 -19.12 21.20 -8.87
C TYR B 141 -19.36 20.12 -7.84
N SER B 142 -20.34 19.25 -8.09
CA SER B 142 -20.68 18.20 -7.12
C SER B 142 -19.60 17.16 -6.81
N THR B 143 -18.71 16.88 -7.76
CA THR B 143 -17.61 15.94 -7.52
C THR B 143 -16.32 16.57 -8.04
N SER B 144 -15.18 16.14 -7.51
CA SER B 144 -13.89 16.72 -7.91
C SER B 144 -14.06 18.22 -7.84
N THR B 145 -14.70 18.67 -6.76
CA THR B 145 -15.01 20.09 -6.56
C THR B 145 -13.84 21.06 -6.74
N MET B 146 -12.78 20.88 -5.96
CA MET B 146 -11.65 21.80 -6.07
C MET B 146 -10.99 21.74 -7.44
N GLU B 147 -10.84 20.54 -7.99
CA GLU B 147 -10.18 20.38 -9.28
C GLU B 147 -10.91 21.05 -10.44
N GLN B 148 -12.24 21.01 -10.44
CA GLN B 148 -12.99 21.68 -11.50
C GLN B 148 -12.72 23.18 -11.37
N HIS B 149 -12.61 23.65 -10.14
CA HIS B 149 -12.33 25.04 -9.87
C HIS B 149 -10.92 25.40 -10.34
N HIS B 150 -9.93 24.55 -10.04
CA HIS B 150 -8.57 24.87 -10.49
C HIS B 150 -8.52 25.01 -12.01
N PHE B 151 -9.23 24.15 -12.75
CA PHE B 151 -9.21 24.27 -14.20
C PHE B 151 -9.89 25.55 -14.69
N SER B 152 -11.02 25.91 -14.09
CA SER B 152 -11.72 27.13 -14.46
C SER B 152 -10.80 28.33 -14.25
N GLN B 153 -10.01 28.31 -13.18
CA GLN B 153 -9.05 29.40 -12.87
C GLN B 153 -7.98 29.47 -13.96
N THR B 154 -7.54 28.29 -14.40
CA THR B 154 -6.53 28.18 -15.44
C THR B 154 -7.03 28.77 -16.74
N VAL B 155 -8.27 28.47 -17.10
CA VAL B 155 -8.85 29.01 -18.32
C VAL B 155 -8.94 30.52 -18.20
N SER B 156 -9.34 31.01 -17.03
CA SER B 156 -9.45 32.44 -16.82
C SER B 156 -8.13 33.17 -17.05
N ILE B 157 -7.03 32.58 -16.60
CA ILE B 157 -5.73 33.22 -16.81
C ILE B 157 -5.36 33.20 -18.28
N LEU B 158 -5.59 32.07 -18.95
CA LEU B 158 -5.27 31.94 -20.37
C LEU B 158 -6.02 32.96 -21.22
N GLN B 159 -7.16 33.43 -20.74
CA GLN B 159 -7.96 34.39 -21.50
C GLN B 159 -7.59 35.85 -21.21
N LEU B 160 -6.65 36.07 -20.31
CA LEU B 160 -6.22 37.42 -20.01
C LEU B 160 -5.36 37.94 -21.16
N GLU B 161 -5.43 39.23 -21.43
CA GLU B 161 -4.62 39.79 -22.49
C GLU B 161 -3.15 39.47 -22.25
N GLY B 162 -2.44 39.08 -23.30
CA GLY B 162 -1.03 38.77 -23.20
C GLY B 162 -0.68 37.50 -22.46
N HIS B 163 -1.68 36.72 -22.06
CA HIS B 163 -1.45 35.49 -21.31
C HIS B 163 -1.76 34.20 -22.06
N ASN B 164 -2.33 34.27 -23.27
CA ASN B 164 -2.63 33.02 -23.93
C ASN B 164 -1.44 32.44 -24.66
N ILE B 165 -0.70 31.62 -23.92
CA ILE B 165 0.50 30.96 -24.41
C ILE B 165 0.22 29.97 -25.53
N PHE B 166 -1.05 29.62 -25.72
CA PHE B 166 -1.44 28.67 -26.76
C PHE B 166 -2.10 29.34 -27.96
N SER B 167 -1.99 30.66 -28.05
CA SER B 167 -2.62 31.40 -29.15
C SER B 167 -2.07 31.00 -30.51
N THR B 168 -0.85 30.46 -30.51
CA THR B 168 -0.20 30.04 -31.75
C THR B 168 -0.71 28.69 -32.27
N LEU B 169 -1.52 28.00 -31.47
CA LEU B 169 -2.07 26.71 -31.88
C LEU B 169 -3.33 26.90 -32.71
N SER B 170 -3.71 25.86 -33.44
CA SER B 170 -4.90 25.90 -34.27
C SER B 170 -6.11 25.76 -33.36
N SER B 171 -7.28 26.04 -33.89
CA SER B 171 -8.51 25.95 -33.11
C SER B 171 -8.69 24.53 -32.57
N SER B 172 -8.31 23.54 -33.36
CA SER B 172 -8.44 22.13 -32.99
C SER B 172 -7.48 21.75 -31.86
N GLU B 173 -6.22 22.10 -32.04
CA GLU B 173 -5.18 21.79 -31.06
C GLU B 173 -5.36 22.54 -29.74
N TYR B 174 -5.89 23.75 -29.82
CA TYR B 174 -6.12 24.54 -28.62
C TYR B 174 -7.13 23.79 -27.77
N GLU B 175 -8.21 23.33 -28.40
CA GLU B 175 -9.25 22.61 -27.69
C GLU B 175 -8.68 21.30 -27.13
N GLN B 176 -7.75 20.71 -27.88
CA GLN B 176 -7.09 19.47 -27.49
C GLN B 176 -6.24 19.67 -26.25
N VAL B 177 -5.42 20.72 -26.25
CA VAL B 177 -4.56 20.95 -25.11
C VAL B 177 -5.36 21.35 -23.89
N LEU B 178 -6.46 22.07 -24.09
CA LEU B 178 -7.30 22.42 -22.95
C LEU B 178 -7.86 21.12 -22.37
N GLU B 179 -8.15 20.16 -23.24
CA GLU B 179 -8.67 18.88 -22.78
C GLU B 179 -7.60 18.10 -22.04
N ILE B 180 -6.38 18.12 -22.56
CA ILE B 180 -5.27 17.43 -21.89
C ILE B 180 -5.12 18.03 -20.50
N ILE B 181 -5.12 19.37 -20.44
CA ILE B 181 -4.97 20.07 -19.19
C ILE B 181 -6.12 19.81 -18.22
N ARG B 182 -7.36 19.89 -18.71
CA ARG B 182 -8.52 19.66 -17.86
C ARG B 182 -8.51 18.25 -17.27
N LYS B 183 -8.25 17.26 -18.12
CA LYS B 183 -8.22 15.87 -17.67
C LYS B 183 -7.11 15.66 -16.66
N ALA B 184 -5.94 16.24 -16.92
CA ALA B 184 -4.81 16.13 -16.01
C ALA B 184 -5.13 16.72 -14.63
N ILE B 185 -5.71 17.91 -14.62
CA ILE B 185 -6.06 18.55 -13.35
C ILE B 185 -7.15 17.77 -12.59
N ILE B 186 -8.17 17.29 -13.29
CA ILE B 186 -9.22 16.53 -12.62
C ILE B 186 -8.63 15.24 -12.01
N ALA B 187 -7.69 14.63 -12.72
CA ALA B 187 -7.07 13.40 -12.26
C ALA B 187 -6.37 13.56 -10.92
N THR B 188 -6.03 14.81 -10.55
CA THR B 188 -5.38 15.01 -9.26
C THR B 188 -6.36 14.89 -8.09
N ASP B 189 -7.62 14.57 -8.37
CA ASP B 189 -8.58 14.33 -7.30
C ASP B 189 -8.30 12.88 -6.86
N LEU B 190 -7.69 12.71 -5.70
CA LEU B 190 -7.32 11.38 -5.23
C LEU B 190 -8.48 10.38 -5.21
N ALA B 191 -9.70 10.86 -5.07
CA ALA B 191 -10.86 9.98 -5.04
C ALA B 191 -10.95 9.16 -6.33
N LEU B 192 -10.49 9.75 -7.43
CA LEU B 192 -10.52 9.09 -8.74
C LEU B 192 -9.34 8.16 -8.97
N TYR B 193 -8.26 8.41 -8.25
CA TYR B 193 -7.03 7.63 -8.39
C TYR B 193 -7.20 6.14 -8.10
N PHE B 194 -7.88 5.81 -7.02
CA PHE B 194 -8.03 4.40 -6.65
C PHE B 194 -8.57 3.54 -7.78
N GLY B 195 -9.68 3.97 -8.38
CA GLY B 195 -10.27 3.22 -9.47
C GLY B 195 -9.39 3.25 -10.70
N ASN B 196 -8.77 4.40 -10.96
CA ASN B 196 -7.91 4.53 -12.11
C ASN B 196 -6.74 3.55 -12.06
N ARG B 197 -6.07 3.50 -10.91
CA ARG B 197 -4.92 2.61 -10.76
C ARG B 197 -5.32 1.14 -10.88
N LYS B 198 -6.46 0.81 -10.30
CA LYS B 198 -6.97 -0.57 -10.33
C LYS B 198 -7.18 -1.00 -11.78
N GLN B 199 -7.81 -0.14 -12.57
CA GLN B 199 -8.05 -0.44 -13.96
C GLN B 199 -6.75 -0.59 -14.75
N LEU B 200 -5.79 0.30 -14.48
CA LEU B 200 -4.51 0.23 -15.18
C LEU B 200 -3.78 -1.06 -14.89
N GLU B 201 -3.82 -1.50 -13.63
CA GLU B 201 -3.17 -2.73 -13.24
C GLU B 201 -3.75 -3.91 -14.00
N GLU B 202 -5.07 -3.94 -14.11
CA GLU B 202 -5.76 -5.02 -14.82
C GLU B 202 -5.42 -5.00 -16.30
N MET B 203 -5.36 -3.81 -16.90
CA MET B 203 -5.04 -3.70 -18.31
C MET B 203 -3.62 -4.18 -18.56
N TYR B 204 -2.70 -3.82 -17.66
CA TYR B 204 -1.30 -4.21 -17.77
C TYR B 204 -1.15 -5.73 -17.66
N GLN B 205 -1.76 -6.30 -16.63
CA GLN B 205 -1.69 -7.74 -16.39
C GLN B 205 -2.28 -8.57 -17.53
N THR B 206 -3.42 -8.14 -18.06
CA THR B 206 -4.08 -8.87 -19.14
C THR B 206 -3.49 -8.58 -20.52
N GLY B 207 -2.56 -7.63 -20.58
CA GLY B 207 -1.94 -7.28 -21.84
C GLY B 207 -2.88 -6.54 -22.78
N SER B 208 -3.83 -5.80 -22.21
CA SER B 208 -4.79 -5.06 -23.04
C SER B 208 -4.47 -3.57 -23.08
N LEU B 209 -3.50 -3.14 -22.28
CA LEU B 209 -3.11 -1.73 -22.24
C LEU B 209 -2.54 -1.34 -23.60
N ASN B 210 -3.20 -0.40 -24.27
CA ASN B 210 -2.79 0.03 -25.60
C ASN B 210 -2.82 1.55 -25.65
N LEU B 211 -1.64 2.16 -25.75
CA LEU B 211 -1.56 3.61 -25.78
C LEU B 211 -2.07 4.26 -27.07
N ASN B 212 -2.69 3.46 -27.94
CA ASN B 212 -3.25 3.98 -29.18
C ASN B 212 -4.69 4.37 -28.89
N ASN B 213 -5.20 3.92 -27.75
CA ASN B 213 -6.56 4.23 -27.33
C ASN B 213 -6.49 5.44 -26.41
N GLN B 214 -7.28 6.45 -26.73
CA GLN B 214 -7.29 7.67 -25.95
C GLN B 214 -7.61 7.39 -24.50
N SER B 215 -8.57 6.49 -24.27
CA SER B 215 -8.98 6.14 -22.91
C SER B 215 -7.79 5.66 -22.10
N HIS B 216 -6.94 4.84 -22.72
CA HIS B 216 -5.78 4.32 -22.03
C HIS B 216 -4.72 5.37 -21.79
N ARG B 217 -4.43 6.19 -22.80
CA ARG B 217 -3.43 7.26 -22.63
C ARG B 217 -3.88 8.15 -21.48
N ASP B 218 -5.17 8.50 -21.47
CA ASP B 218 -5.72 9.36 -20.42
C ASP B 218 -5.50 8.75 -19.04
N ARG B 219 -5.71 7.45 -18.91
CA ARG B 219 -5.52 6.78 -17.62
C ARG B 219 -4.05 6.82 -17.19
N VAL B 220 -3.14 6.53 -18.11
CA VAL B 220 -1.72 6.55 -17.78
C VAL B 220 -1.33 7.96 -17.34
N ILE B 221 -1.81 8.97 -18.07
CA ILE B 221 -1.49 10.35 -17.72
C ILE B 221 -2.09 10.69 -16.35
N GLY B 222 -3.29 10.17 -16.07
CA GLY B 222 -3.91 10.41 -14.78
C GLY B 222 -3.02 9.85 -13.66
N LEU B 223 -2.49 8.64 -13.84
CA LEU B 223 -1.63 8.06 -12.81
C LEU B 223 -0.35 8.89 -12.66
N MET B 224 0.18 9.39 -13.77
CA MET B 224 1.36 10.24 -13.71
C MET B 224 1.04 11.47 -12.87
N MET B 225 -0.14 12.05 -13.05
CA MET B 225 -0.52 13.22 -12.27
C MET B 225 -0.57 12.90 -10.78
N THR B 226 -1.10 11.73 -10.42
CA THR B 226 -1.14 11.35 -9.01
C THR B 226 0.28 11.22 -8.47
N ALA B 227 1.14 10.54 -9.23
CA ALA B 227 2.53 10.32 -8.84
C ALA B 227 3.24 11.65 -8.62
N CYS B 228 2.99 12.60 -9.51
CA CYS B 228 3.62 13.91 -9.37
C CYS B 228 3.03 14.66 -8.18
N ALA B 229 1.72 14.59 -8.01
CA ALA B 229 1.09 15.27 -6.89
C ALA B 229 1.58 14.79 -5.51
N LEU B 230 1.97 13.52 -5.41
CA LEU B 230 2.42 12.95 -4.15
C LEU B 230 3.93 12.86 -4.03
N CYS B 231 4.65 13.41 -5.01
CA CYS B 231 6.10 13.23 -5.02
C CYS B 231 6.95 13.67 -3.86
N SER B 232 6.40 14.38 -2.88
CA SER B 232 7.23 14.75 -1.74
C SER B 232 7.70 13.48 -1.02
N VAL B 233 6.96 12.38 -1.19
CA VAL B 233 7.36 11.12 -0.56
C VAL B 233 8.48 10.40 -1.30
N THR B 234 8.97 10.99 -2.40
CA THR B 234 10.02 10.37 -3.21
C THR B 234 11.34 11.11 -3.20
N LYS B 235 11.51 12.01 -2.23
CA LYS B 235 12.74 12.79 -2.13
C LYS B 235 13.68 12.10 -1.15
N LEU B 236 14.85 12.66 -0.92
CA LEU B 236 15.78 12.07 0.04
C LEU B 236 15.19 12.29 1.43
N TRP B 237 15.50 11.41 2.37
CA TRP B 237 14.92 11.51 3.71
C TRP B 237 14.98 12.89 4.39
N PRO B 238 16.12 13.57 4.35
CA PRO B 238 16.20 14.89 5.00
C PRO B 238 15.19 15.89 4.45
N VAL B 239 14.75 15.67 3.23
CA VAL B 239 13.78 16.55 2.59
C VAL B 239 12.36 16.04 2.89
N THR B 240 12.11 14.76 2.65
CA THR B 240 10.80 14.17 2.90
C THR B 240 10.37 14.28 4.36
N LYS B 241 11.30 14.08 5.29
CA LYS B 241 10.98 14.15 6.71
C LYS B 241 10.33 15.47 7.08
N LEU B 242 10.74 16.55 6.41
CA LEU B 242 10.21 17.88 6.73
C LEU B 242 8.83 18.18 6.21
N THR B 243 8.28 17.29 5.38
CA THR B 243 6.96 17.49 4.80
C THR B 243 5.90 16.61 5.48
N ALA B 244 6.25 16.07 6.63
CA ALA B 244 5.37 15.18 7.39
C ALA B 244 3.95 15.68 7.63
N ASN B 245 3.79 16.98 7.86
CA ASN B 245 2.47 17.50 8.14
C ASN B 245 1.56 17.70 6.92
N ASP B 246 2.13 17.61 5.72
CA ASP B 246 1.34 17.84 4.53
C ASP B 246 0.05 17.03 4.39
N ILE B 247 0.10 15.72 4.63
CA ILE B 247 -1.10 14.91 4.49
C ILE B 247 -2.18 15.21 5.53
N TYR B 248 -1.84 16.00 6.55
CA TYR B 248 -2.78 16.37 7.61
C TYR B 248 -3.36 17.76 7.41
N ALA B 249 -2.81 18.52 6.48
CA ALA B 249 -3.27 19.88 6.26
C ALA B 249 -4.78 20.07 6.13
N GLU B 250 -5.43 19.23 5.35
CA GLU B 250 -6.87 19.38 5.15
C GLU B 250 -7.67 19.04 6.40
N PHE B 251 -7.25 18.00 7.11
CA PHE B 251 -7.94 17.63 8.35
C PHE B 251 -7.80 18.76 9.36
N TRP B 252 -6.59 19.30 9.50
CA TRP B 252 -6.36 20.35 10.45
C TRP B 252 -7.06 21.66 10.08
N ALA B 253 -7.23 21.92 8.79
CA ALA B 253 -7.94 23.13 8.38
C ALA B 253 -9.39 22.99 8.81
N GLU B 254 -9.98 21.80 8.65
CA GLU B 254 -11.36 21.57 9.06
C GLU B 254 -11.46 21.73 10.58
N GLY B 255 -10.51 21.16 11.30
CA GLY B 255 -10.52 21.31 12.75
C GLY B 255 -10.41 22.76 13.19
N ASP B 256 -9.62 23.56 12.46
CA ASP B 256 -9.46 24.97 12.79
C ASP B 256 -10.80 25.69 12.65
N GLU B 257 -11.58 25.30 11.65
CA GLU B 257 -12.87 25.96 11.47
C GLU B 257 -13.80 25.56 12.60
N MET B 258 -13.68 24.32 13.08
CA MET B 258 -14.51 23.89 14.19
C MET B 258 -14.12 24.70 15.42
N LYS B 259 -12.83 24.87 15.64
CA LYS B 259 -12.35 25.62 16.78
C LYS B 259 -12.89 27.05 16.78
N LYS B 260 -13.00 27.65 15.60
CA LYS B 260 -13.51 29.02 15.49
C LYS B 260 -14.97 29.12 15.92
N LEU B 261 -15.68 27.99 15.95
CA LEU B 261 -17.07 27.94 16.38
C LEU B 261 -17.12 27.61 17.88
N GLY B 262 -15.94 27.58 18.50
CA GLY B 262 -15.83 27.28 19.92
C GLY B 262 -15.86 25.79 20.24
N ILE B 263 -15.67 24.97 19.21
CA ILE B 263 -15.72 23.52 19.36
C ILE B 263 -14.35 22.85 19.28
N GLN B 264 -13.95 22.14 20.34
CA GLN B 264 -12.68 21.43 20.33
C GLN B 264 -12.97 20.23 19.43
N PRO B 265 -12.27 20.12 18.29
CA PRO B 265 -12.53 19.00 17.39
C PRO B 265 -11.99 17.65 17.80
N ILE B 266 -12.48 16.61 17.16
CA ILE B 266 -11.99 15.28 17.46
C ILE B 266 -10.50 15.35 17.14
N PRO B 267 -9.70 14.52 17.82
CA PRO B 267 -8.25 14.49 17.62
C PRO B 267 -7.71 14.44 16.19
N MET B 268 -8.34 13.68 15.31
CA MET B 268 -7.78 13.61 13.97
C MET B 268 -7.82 14.93 13.22
N MET B 269 -8.58 15.90 13.71
CA MET B 269 -8.65 17.20 13.06
C MET B 269 -8.03 18.32 13.87
N ASP B 270 -7.36 17.95 14.95
CA ASP B 270 -6.73 18.90 15.87
C ASP B 270 -5.23 18.98 15.58
N ARG B 271 -4.77 20.10 15.06
CA ARG B 271 -3.35 20.22 14.75
C ARG B 271 -2.45 20.15 15.97
N ASP B 272 -3.01 20.32 17.16
CA ASP B 272 -2.19 20.23 18.37
C ASP B 272 -1.84 18.76 18.68
N LYS B 273 -2.54 17.82 18.03
CA LYS B 273 -2.30 16.39 18.24
C LYS B 273 -1.40 15.84 17.14
N LYS B 274 -0.08 15.87 17.35
CA LYS B 274 0.84 15.41 16.33
C LYS B 274 1.65 14.14 16.62
N ASP B 275 1.39 13.48 17.74
CA ASP B 275 2.16 12.30 18.07
C ASP B 275 2.05 11.17 17.06
N GLU B 276 0.90 11.06 16.41
CA GLU B 276 0.71 9.98 15.44
C GLU B 276 0.99 10.37 14.00
N VAL B 277 1.61 11.54 13.78
CA VAL B 277 1.93 11.93 12.41
C VAL B 277 2.82 10.88 11.72
N PRO B 278 3.83 10.33 12.42
CA PRO B 278 4.66 9.32 11.74
C PRO B 278 3.83 8.10 11.34
N GLN B 279 2.89 7.70 12.21
CA GLN B 279 2.05 6.56 11.92
C GLN B 279 1.13 6.85 10.74
N GLY B 280 0.63 8.08 10.65
CA GLY B 280 -0.22 8.45 9.53
C GLY B 280 0.58 8.34 8.24
N GLN B 281 1.85 8.72 8.29
CA GLN B 281 2.69 8.63 7.11
C GLN B 281 2.82 7.17 6.66
N LEU B 282 3.14 6.27 7.59
CA LEU B 282 3.27 4.86 7.24
C LEU B 282 1.97 4.34 6.63
N GLY B 283 0.84 4.72 7.20
CA GLY B 283 -0.44 4.28 6.66
C GLY B 283 -0.66 4.82 5.26
N PHE B 284 -0.36 6.10 5.05
CA PHE B 284 -0.53 6.70 3.74
C PHE B 284 0.37 6.06 2.70
N TYR B 285 1.61 5.75 3.07
CA TYR B 285 2.51 5.13 2.10
C TYR B 285 2.01 3.75 1.70
N ASN B 286 1.52 2.97 2.67
CA ASN B 286 1.06 1.63 2.32
C ASN B 286 -0.28 1.60 1.59
N ALA B 287 -1.17 2.50 1.94
CA ALA B 287 -2.50 2.56 1.33
C ALA B 287 -2.57 3.30 0.00
N VAL B 288 -1.73 4.32 -0.16
CA VAL B 288 -1.78 5.14 -1.36
C VAL B 288 -0.51 5.26 -2.19
N ALA B 289 0.58 5.71 -1.58
CA ALA B 289 1.81 5.94 -2.33
C ALA B 289 2.47 4.73 -2.95
N ILE B 290 2.64 3.67 -2.17
CA ILE B 290 3.32 2.50 -2.72
C ILE B 290 2.57 1.92 -3.92
N PRO B 291 1.25 1.74 -3.80
CA PRO B 291 0.51 1.19 -4.95
C PRO B 291 0.64 2.12 -6.17
N CYS B 292 0.59 3.42 -5.93
CA CYS B 292 0.69 4.38 -7.03
C CYS B 292 1.99 4.20 -7.81
N TYR B 293 3.12 4.28 -7.12
CA TYR B 293 4.41 4.15 -7.79
C TYR B 293 4.71 2.75 -8.29
N THR B 294 4.09 1.74 -7.67
CA THR B 294 4.29 0.38 -8.11
C THR B 294 3.66 0.22 -9.48
N THR B 295 2.40 0.65 -9.62
CA THR B 295 1.75 0.54 -10.92
C THR B 295 2.40 1.47 -11.96
N LEU B 296 2.83 2.65 -11.53
CA LEU B 296 3.48 3.56 -12.46
C LEU B 296 4.77 2.92 -13.01
N THR B 297 5.51 2.25 -12.14
CA THR B 297 6.76 1.61 -12.55
C THR B 297 6.52 0.43 -13.50
N GLN B 298 5.40 -0.26 -13.34
CA GLN B 298 5.09 -1.37 -14.24
C GLN B 298 4.79 -0.86 -15.64
N ILE B 299 4.03 0.23 -15.71
CA ILE B 299 3.67 0.81 -16.99
C ILE B 299 4.82 1.60 -17.63
N LEU B 300 5.51 2.39 -16.82
CA LEU B 300 6.65 3.19 -17.28
C LEU B 300 7.89 2.80 -16.48
N PRO B 301 8.57 1.72 -16.90
CA PRO B 301 9.76 1.25 -16.18
C PRO B 301 10.80 2.31 -15.78
N PRO B 302 11.03 3.33 -16.63
CA PRO B 302 12.03 4.35 -16.27
C PRO B 302 11.68 5.17 -15.02
N THR B 303 10.45 5.06 -14.53
CA THR B 303 10.06 5.81 -13.33
C THR B 303 10.38 5.06 -12.03
N GLU B 304 11.02 3.90 -12.16
CA GLU B 304 11.38 3.10 -11.00
C GLU B 304 12.03 3.85 -9.82
N PRO B 305 12.86 4.87 -10.09
CA PRO B 305 13.48 5.58 -8.97
C PRO B 305 12.46 6.18 -8.00
N LEU B 306 11.26 6.50 -8.49
CA LEU B 306 10.23 7.05 -7.61
C LEU B 306 9.79 6.01 -6.58
N LEU B 307 9.59 4.77 -7.04
CA LEU B 307 9.18 3.68 -6.16
C LEU B 307 10.30 3.36 -5.16
N LYS B 308 11.53 3.35 -5.64
CA LYS B 308 12.67 3.06 -4.78
C LYS B 308 12.74 4.09 -3.65
N ALA B 309 12.65 5.36 -4.00
CA ALA B 309 12.72 6.41 -3.00
C ALA B 309 11.55 6.34 -2.02
N CYS B 310 10.36 6.00 -2.53
CA CYS B 310 9.18 5.88 -1.68
C CYS B 310 9.41 4.77 -0.66
N ARG B 311 9.91 3.64 -1.12
CA ARG B 311 10.18 2.52 -0.22
C ARG B 311 11.25 2.90 0.80
N ASP B 312 12.27 3.65 0.37
CA ASP B 312 13.32 4.07 1.29
C ASP B 312 12.73 4.95 2.40
N ASN B 313 11.85 5.87 2.03
CA ASN B 313 11.26 6.74 3.02
C ASN B 313 10.32 5.97 3.94
N LEU B 314 9.62 4.98 3.39
CA LEU B 314 8.72 4.17 4.20
C LEU B 314 9.50 3.55 5.36
N SER B 315 10.70 3.05 5.05
CA SER B 315 11.56 2.43 6.07
C SER B 315 11.99 3.42 7.13
N GLN B 316 12.20 4.68 6.72
CA GLN B 316 12.58 5.71 7.69
C GLN B 316 11.40 6.01 8.61
N TRP B 317 10.18 6.04 8.07
CA TRP B 317 9.02 6.30 8.92
C TRP B 317 8.86 5.19 9.95
N GLU B 318 9.18 3.96 9.56
CA GLU B 318 9.08 2.84 10.49
C GLU B 318 10.01 3.07 11.68
N LYS B 319 11.24 3.52 11.39
CA LYS B 319 12.23 3.79 12.43
C LYS B 319 11.73 4.88 13.38
N VAL B 320 11.10 5.92 12.84
CA VAL B 320 10.58 6.98 13.69
C VAL B 320 9.47 6.39 14.57
N ILE B 321 8.61 5.57 13.98
CA ILE B 321 7.53 4.99 14.75
C ILE B 321 8.06 4.11 15.86
N ARG B 322 9.09 3.31 15.55
CA ARG B 322 9.67 2.41 16.52
C ARG B 322 10.48 3.14 17.58
N GLY B 323 10.63 4.45 17.42
CA GLY B 323 11.38 5.24 18.39
C GLY B 323 12.88 5.18 18.20
N GLU B 324 13.31 4.75 17.02
CA GLU B 324 14.73 4.66 16.71
C GLU B 324 15.24 6.00 16.17
N GLU B 325 14.30 6.81 15.68
CA GLU B 325 14.63 8.13 15.15
C GLU B 325 13.66 9.15 15.72
N THR B 326 14.09 10.41 15.77
CA THR B 326 13.27 11.49 16.30
C THR B 326 12.18 11.89 15.30
N ALA B 327 11.04 12.30 15.81
CA ALA B 327 9.93 12.71 14.97
C ALA B 327 10.17 14.10 14.38
N THR B 328 9.37 14.47 13.39
CA THR B 328 9.48 15.76 12.72
C THR B 328 9.32 16.99 13.63
N TRP B 329 8.28 17.00 14.45
CA TRP B 329 8.04 18.14 15.34
C TRP B 329 9.20 18.34 16.32
MG MG C . -7.77 -20.46 7.63
MG MG D . -5.32 19.37 -5.60
#